data_8PM2
#
_entry.id   8PM2
#
_cell.length_a   1.00
_cell.length_b   1.00
_cell.length_c   1.00
_cell.angle_alpha   90.00
_cell.angle_beta   90.00
_cell.angle_gamma   90.00
#
_symmetry.space_group_name_H-M   'P 1'
#
loop_
_entity.id
_entity.type
_entity.pdbx_description
1 polymer 'Guanine nucleotide-binding protein G(s) subunit alpha isoforms short'
2 polymer 'Guanine nucleotide-binding protein G(I)/G(S)/G(T) subunit beta-1'
3 polymer 'Guanine nucleotide-binding protein G(I)/G(S)/G(O) subunit gamma-2'
4 polymer 'Nanobody 35'
5 polymer 'Trace amine-associated receptor 7f'
6 non-polymer 'CHOLESTEROL HEMISUCCINATE'
7 non-polymer ~{N},~{N}-dimethylcyclohexanamine
#
loop_
_entity_poly.entity_id
_entity_poly.type
_entity_poly.pdbx_seq_one_letter_code
_entity_poly.pdbx_strand_id
1 'polypeptide(L)'
;GNSKTEDQRNEEKAQREANKKIEKQLQKDKQVYRATHRLLLLGADNSGKSTIVKQMRILHGGSGGSGGTSGIFETKFQVD
KVNFHMFDVGGQRDERRKWIQCFNDVTAIIFVVDSSDYNRLQEALNLFKSIWNNRWLRTISVILFLNKQDLLAEKVLAGK
SKLEDYFPEFARYTTPEDATPEPGEDPRVTRAKYFIRDEFLRISTASGDGRHYCYPHFTCAVDTENARRIFNDCRDIIQR
MHLRQYELL
;
A
2 'polypeptide(L)'
;GSELDQLRQEAEQLKNQIRDARKACADATLSQITNNIDPVGRIQMRTRRTLRGHLAKIYAMHWGTDSRLLVSASQDGKLI
IWDSYTTNKVHAIPLRSSWVMTCAYAPSGNYVACGGLDNICSIYNLKTREGNVRVSRELAGHTGYLSCCRFLDDNQIVTS
SGDTTCALWDIETGQQTTTFTGHTGDVMSLSLAPDTRLFVSGACDASAKLWDVREGMCRQTFTGHESDINAICFFPNGNA
FATGSDDATCRLFDLRADQELMTYSHDNIICGITSVSFSKSGRLLLAGYDDFNCNVWDALKADRAGVLAGHDNRVSCLGV
TDDGMAVATGSWDSFLKIWN
;
B
3 'polypeptide(L)' MASNNTASIAQARKLVEQLKMEANIDRIKVSKAAADLMAYCEAHAKEDPLLTPVPASENPFREKKFFSAIL G
4 'polypeptide(L)'
;MKYLLPTAAAGLLLLAAQPAMAQVQLQESGGGLVQPGGSLRLSCAASGFTFSNYKMNWVRQAPGKGLEWVSDISQSGASI
SYTGSVKGRFTISRDNAKNTLYLQMNSLKPEDTAVYYCARCPAPFTRDCFDVTSTTYAYRGQGTQVTVSSHHHHHH
;
N
5 'polypeptide(L)'
;SMSIADETVSWNQDSILSRDLFSATSAELCYENLNRSCVRSPYSPGPRLILYAVFGFGAVLAVCGNLLVMTSILHFRQLH
SPANFLVASLACADFLVGVMVMPFSMVRSVEGCWYFGDSYCKLHTCFDVSFCYCSLFHLCFISVDRYIAVSDPLAYPTRF
TASVSGKCITFSWLLSISYGFSLIYTGASEAGLEDLVSSLTCVGGCQIAVNQTWVFINFSVFLIPTLVMITVYSKIFLIA
KQQAQNIEKMSKQTARASDSYKDRVAKRERKAAKTLGIAVAAFLLSWLPYFIDSFIDAFLGFITPTYVYEILVWIVYYNS
AMNPLIYAFFYPWFRKAIKLTVTGKILRENSSTTNLFSELEVLFQ
;
R
#
# COMPACT_ATOMS: atom_id res chain seq x y z
N GLN A 8 -28.14 -16.07 28.78
CA GLN A 8 -26.96 -15.42 28.15
C GLN A 8 -26.24 -16.42 27.24
N ARG A 9 -26.34 -17.71 27.55
CA ARG A 9 -25.69 -18.75 26.77
C ARG A 9 -26.31 -18.83 25.38
N ASN A 10 -27.63 -18.66 25.30
CA ASN A 10 -28.36 -18.73 24.03
C ASN A 10 -27.84 -17.65 23.06
N GLU A 11 -27.68 -16.43 23.59
CA GLU A 11 -27.25 -15.30 22.78
C GLU A 11 -25.84 -15.56 22.25
N GLU A 12 -24.94 -16.06 23.11
CA GLU A 12 -23.57 -16.33 22.69
C GLU A 12 -23.54 -17.44 21.64
N LYS A 13 -24.37 -18.48 21.80
CA LYS A 13 -24.40 -19.56 20.84
C LYS A 13 -24.89 -19.05 19.48
N ALA A 14 -25.94 -18.23 19.48
CA ALA A 14 -26.47 -17.67 18.24
C ALA A 14 -25.44 -16.76 17.57
N GLN A 15 -24.71 -15.97 18.36
CA GLN A 15 -23.69 -15.08 17.85
C GLN A 15 -22.56 -15.90 17.20
N ARG A 16 -22.15 -16.98 17.85
CA ARG A 16 -21.11 -17.82 17.30
C ARG A 16 -21.58 -18.48 16.00
N GLU A 17 -22.85 -18.89 15.94
CA GLU A 17 -23.41 -19.48 14.73
C GLU A 17 -23.39 -18.46 13.59
N ALA A 18 -23.75 -17.21 13.89
CA ALA A 18 -23.72 -16.15 12.88
C ALA A 18 -22.29 -15.91 12.39
N ASN A 19 -21.33 -15.87 13.31
CA ASN A 19 -19.95 -15.68 12.91
C ASN A 19 -19.47 -16.85 12.03
N LYS A 20 -19.89 -18.09 12.34
CA LYS A 20 -19.52 -19.22 11.53
C LYS A 20 -20.12 -19.09 10.11
N LYS A 21 -21.40 -18.72 10.04
CA LYS A 21 -22.09 -18.58 8.76
C LYS A 21 -21.48 -17.44 7.94
N ILE A 22 -20.89 -16.44 8.60
CA ILE A 22 -20.25 -15.34 7.90
C ILE A 22 -18.87 -15.75 7.40
N GLU A 23 -18.10 -16.42 8.25
CA GLU A 23 -16.74 -16.83 7.90
C GLU A 23 -16.77 -17.84 6.76
N LYS A 24 -17.86 -18.61 6.66
CA LYS A 24 -18.03 -19.52 5.53
C LYS A 24 -18.06 -18.72 4.23
N GLN A 25 -18.84 -17.63 4.24
CA GLN A 25 -19.02 -16.80 3.05
C GLN A 25 -17.72 -16.09 2.69
N LEU A 26 -16.97 -15.62 3.69
CA LEU A 26 -15.70 -14.97 3.41
C LEU A 26 -14.67 -15.98 2.87
N GLN A 27 -14.70 -17.21 3.38
CA GLN A 27 -13.82 -18.25 2.85
C GLN A 27 -14.18 -18.52 1.39
N LYS A 28 -15.49 -18.55 1.08
CA LYS A 28 -15.98 -18.83 -0.26
C LYS A 28 -15.62 -17.70 -1.22
N ASP A 29 -15.54 -16.46 -0.72
CA ASP A 29 -15.26 -15.30 -1.57
C ASP A 29 -13.77 -15.00 -1.69
N LYS A 30 -12.94 -15.51 -0.77
CA LYS A 30 -11.52 -15.20 -0.83
C LYS A 30 -10.86 -15.83 -2.07
N GLN A 31 -11.29 -17.04 -2.44
CA GLN A 31 -10.85 -17.71 -3.65
C GLN A 31 -11.13 -16.85 -4.87
N VAL A 32 -12.36 -16.34 -4.94
CA VAL A 32 -12.79 -15.54 -6.07
C VAL A 32 -11.96 -14.25 -6.12
N TYR A 33 -11.74 -13.63 -4.98
CA TYR A 33 -10.98 -12.39 -4.96
C TYR A 33 -9.53 -12.62 -5.37
N ARG A 34 -8.94 -13.73 -4.94
CA ARG A 34 -7.54 -14.01 -5.27
C ARG A 34 -7.38 -14.43 -6.75
N ALA A 35 -8.43 -15.03 -7.34
CA ALA A 35 -8.35 -15.49 -8.72
C ALA A 35 -8.20 -14.34 -9.70
N THR A 36 -9.07 -13.33 -9.61
CA THR A 36 -9.08 -12.25 -10.59
C THR A 36 -7.89 -11.30 -10.37
N HIS A 37 -7.47 -10.64 -11.46
CA HIS A 37 -6.39 -9.66 -11.38
C HIS A 37 -6.93 -8.28 -11.73
N ARG A 38 -6.63 -7.25 -10.91
CA ARG A 38 -7.19 -5.93 -11.14
C ARG A 38 -6.16 -5.07 -11.88
N LEU A 39 -6.61 -4.30 -12.90
CA LEU A 39 -5.71 -3.47 -13.69
C LEU A 39 -6.25 -2.06 -13.75
N LEU A 40 -5.40 -1.06 -13.46
CA LEU A 40 -5.77 0.34 -13.57
C LEU A 40 -5.43 0.89 -14.97
N LEU A 41 -6.43 1.29 -15.73
CA LEU A 41 -6.25 1.84 -17.06
C LEU A 41 -6.12 3.35 -17.05
N LEU A 42 -4.93 3.88 -17.26
CA LEU A 42 -4.72 5.33 -17.30
C LEU A 42 -4.33 5.79 -18.69
N GLY A 43 -4.79 6.98 -19.04
CA GLY A 43 -4.52 7.54 -20.35
C GLY A 43 -5.26 8.86 -20.55
N ALA A 44 -4.75 9.68 -21.48
CA ALA A 44 -5.37 10.98 -21.72
C ALA A 44 -6.61 10.82 -22.61
N ASP A 45 -7.34 11.92 -22.79
CA ASP A 45 -8.51 11.95 -23.65
C ASP A 45 -8.10 11.64 -25.09
N ASN A 46 -6.99 12.23 -25.54
CA ASN A 46 -6.50 12.02 -26.89
C ASN A 46 -6.13 10.55 -27.10
N SER A 47 -5.51 9.96 -26.07
CA SER A 47 -5.04 8.58 -26.13
C SER A 47 -6.23 7.67 -26.37
N GLY A 48 -6.01 6.60 -27.12
CA GLY A 48 -7.11 5.74 -27.50
C GLY A 48 -7.37 4.65 -26.46
N LYS A 49 -7.54 5.02 -25.19
CA LYS A 49 -7.88 4.01 -24.19
C LYS A 49 -9.35 3.61 -24.33
N SER A 50 -10.21 4.55 -24.72
CA SER A 50 -11.61 4.25 -25.00
C SER A 50 -11.76 3.20 -26.10
N THR A 51 -11.05 3.37 -27.21
CA THR A 51 -11.17 2.45 -28.33
C THR A 51 -10.61 1.07 -27.97
N ILE A 52 -9.53 1.03 -27.19
CA ILE A 52 -8.93 -0.26 -26.83
C ILE A 52 -9.88 -0.99 -25.87
N VAL A 53 -10.48 -0.28 -24.92
CA VAL A 53 -11.38 -0.93 -23.98
C VAL A 53 -12.66 -1.36 -24.69
N LYS A 54 -13.10 -0.61 -25.70
CA LYS A 54 -14.27 -0.98 -26.48
C LYS A 54 -13.99 -2.25 -27.29
N GLN A 55 -12.81 -2.31 -27.94
CA GLN A 55 -12.45 -3.48 -28.74
C GLN A 55 -12.30 -4.71 -27.85
N MET A 56 -11.69 -4.53 -26.67
CA MET A 56 -11.52 -5.64 -25.74
C MET A 56 -12.88 -6.10 -25.20
N ARG A 57 -13.83 -5.17 -25.05
CA ARG A 57 -15.15 -5.52 -24.55
C ARG A 57 -16.13 -5.77 -25.72
N GLY A 71 -19.96 6.66 -13.47
CA GLY A 71 -18.70 6.97 -12.76
C GLY A 71 -17.53 6.13 -13.30
N ILE A 72 -17.04 5.22 -12.45
CA ILE A 72 -15.93 4.35 -12.80
C ILE A 72 -16.38 3.36 -13.87
N PHE A 73 -15.60 3.26 -14.94
CA PHE A 73 -15.86 2.33 -16.01
C PHE A 73 -15.10 1.05 -15.70
N GLU A 74 -15.83 0.02 -15.29
CA GLU A 74 -15.26 -1.29 -15.03
C GLU A 74 -15.55 -2.18 -16.21
N THR A 75 -14.50 -2.83 -16.73
CA THR A 75 -14.67 -3.88 -17.72
C THR A 75 -13.98 -5.14 -17.24
N LYS A 76 -14.43 -6.28 -17.76
CA LYS A 76 -13.87 -7.55 -17.38
C LYS A 76 -13.58 -8.35 -18.65
N PHE A 77 -12.36 -8.91 -18.73
CA PHE A 77 -12.02 -9.79 -19.84
C PHE A 77 -11.34 -11.04 -19.33
N GLN A 78 -11.66 -12.15 -19.99
CA GLN A 78 -11.24 -13.48 -19.55
C GLN A 78 -10.41 -14.09 -20.67
N VAL A 79 -9.17 -14.46 -20.34
CA VAL A 79 -8.28 -15.12 -21.27
C VAL A 79 -7.50 -16.22 -20.55
N ASP A 80 -7.41 -17.39 -21.19
CA ASP A 80 -6.63 -18.53 -20.68
C ASP A 80 -7.06 -18.86 -19.26
N LYS A 81 -8.37 -18.88 -19.01
CA LYS A 81 -8.93 -19.26 -17.71
C LYS A 81 -8.51 -18.29 -16.60
N VAL A 82 -8.11 -17.06 -16.97
CA VAL A 82 -7.76 -16.04 -16.01
C VAL A 82 -8.59 -14.79 -16.30
N ASN A 83 -9.15 -14.18 -15.24
CA ASN A 83 -10.07 -13.07 -15.37
C ASN A 83 -9.38 -11.78 -14.90
N PHE A 84 -9.40 -10.73 -15.74
CA PHE A 84 -8.91 -9.42 -15.36
C PHE A 84 -10.04 -8.40 -15.34
N HIS A 85 -10.02 -7.54 -14.32
CA HIS A 85 -10.95 -6.42 -14.24
C HIS A 85 -10.17 -5.13 -14.42
N MET A 86 -10.47 -4.44 -15.53
CA MET A 86 -9.80 -3.18 -15.83
C MET A 86 -10.70 -2.05 -15.35
N PHE A 87 -10.13 -1.11 -14.61
CA PHE A 87 -10.89 -0.08 -13.95
C PHE A 87 -10.46 1.30 -14.43
N ASP A 88 -11.10 1.78 -15.50
CA ASP A 88 -10.85 3.11 -16.01
C ASP A 88 -11.58 4.13 -15.13
N VAL A 89 -10.84 5.08 -14.57
CA VAL A 89 -11.40 6.07 -13.67
C VAL A 89 -11.69 7.34 -14.44
N GLY A 90 -12.96 7.65 -14.63
CA GLY A 90 -13.37 8.71 -15.56
C GLY A 90 -14.22 9.81 -14.92
N GLY A 91 -14.87 9.46 -13.81
CA GLY A 91 -15.83 10.35 -13.19
C GLY A 91 -15.19 11.44 -12.32
N GLN A 92 -13.91 11.29 -11.98
CA GLN A 92 -13.30 12.21 -11.04
C GLN A 92 -12.88 13.50 -11.73
N ARG A 93 -12.31 14.41 -10.93
CA ARG A 93 -11.88 15.72 -11.42
C ARG A 93 -10.46 15.56 -11.94
N ASP A 94 -9.85 16.66 -12.44
CA ASP A 94 -8.50 16.62 -12.99
C ASP A 94 -7.50 16.05 -11.97
N GLU A 95 -7.62 16.46 -10.71
CA GLU A 95 -6.64 16.02 -9.68
C GLU A 95 -6.72 14.51 -9.46
N ARG A 96 -5.56 13.85 -9.30
CA ARG A 96 -5.53 12.37 -9.10
C ARG A 96 -4.61 12.02 -7.93
N ARG A 97 -4.09 13.03 -7.23
CA ARG A 97 -3.12 12.79 -6.13
C ARG A 97 -3.70 11.88 -5.05
N LYS A 98 -5.02 11.93 -4.82
CA LYS A 98 -5.60 11.15 -3.69
C LYS A 98 -6.29 9.88 -4.17
N TRP A 99 -7.07 9.94 -5.25
CA TRP A 99 -7.83 8.74 -5.68
C TRP A 99 -6.88 7.64 -6.20
N ILE A 100 -5.68 8.02 -6.66
CA ILE A 100 -4.71 7.03 -7.22
C ILE A 100 -4.29 6.05 -6.11
N GLN A 101 -4.14 6.53 -4.87
CA GLN A 101 -3.65 5.67 -3.77
C GLN A 101 -4.58 4.47 -3.56
N CYS A 102 -5.75 4.45 -4.19
CA CYS A 102 -6.63 3.31 -4.06
C CYS A 102 -6.10 2.09 -4.79
N PHE A 103 -5.10 2.27 -5.65
CA PHE A 103 -4.68 1.20 -6.55
C PHE A 103 -3.23 0.80 -6.26
N ASN A 104 -2.91 0.62 -4.99
CA ASN A 104 -1.62 0.08 -4.61
C ASN A 104 -1.53 -1.43 -4.86
N ASP A 105 -2.67 -2.12 -4.87
CA ASP A 105 -2.72 -3.58 -4.90
C ASP A 105 -3.11 -4.12 -6.28
N VAL A 106 -3.23 -3.25 -7.29
CA VAL A 106 -3.57 -3.74 -8.62
C VAL A 106 -2.36 -4.47 -9.16
N THR A 107 -2.61 -5.45 -10.03
CA THR A 107 -1.51 -6.20 -10.63
C THR A 107 -0.64 -5.29 -11.50
N ALA A 108 -1.29 -4.46 -12.33
CA ALA A 108 -0.56 -3.58 -13.20
C ALA A 108 -1.36 -2.31 -13.51
N ILE A 109 -0.61 -1.28 -13.93
CA ILE A 109 -1.17 -0.08 -14.52
C ILE A 109 -0.96 -0.13 -16.03
N ILE A 110 -2.07 -0.13 -16.76
CA ILE A 110 -1.98 -0.03 -18.20
C ILE A 110 -2.00 1.43 -18.58
N PHE A 111 -0.86 1.94 -19.03
CA PHE A 111 -0.72 3.35 -19.32
C PHE A 111 -0.70 3.59 -20.83
N VAL A 112 -1.72 4.28 -21.35
CA VAL A 112 -1.88 4.42 -22.78
C VAL A 112 -1.44 5.80 -23.23
N VAL A 113 -0.65 5.88 -24.31
CA VAL A 113 -0.11 7.14 -24.81
C VAL A 113 -0.45 7.30 -26.28
N ASP A 114 -0.92 8.49 -26.66
CA ASP A 114 -1.07 8.82 -28.08
C ASP A 114 0.29 9.34 -28.57
N SER A 115 1.04 8.46 -29.27
CA SER A 115 2.41 8.76 -29.67
C SER A 115 2.49 9.65 -30.92
N SER A 116 1.39 9.92 -31.61
CA SER A 116 1.43 10.77 -32.78
C SER A 116 1.09 12.22 -32.47
N ASP A 117 1.13 12.64 -31.20
CA ASP A 117 0.70 13.98 -30.86
C ASP A 117 1.85 14.98 -30.90
N TYR A 118 2.99 14.57 -30.33
CA TYR A 118 4.21 15.37 -30.43
C TYR A 118 4.12 16.61 -29.55
N ASN A 119 2.93 16.96 -29.05
CA ASN A 119 2.73 18.19 -28.29
C ASN A 119 2.24 17.88 -26.89
N ARG A 120 1.39 16.85 -26.76
CA ARG A 120 0.96 16.38 -25.45
C ARG A 120 1.70 15.09 -25.13
N LEU A 121 2.94 14.96 -25.59
CA LEU A 121 3.71 13.77 -25.27
C LEU A 121 4.50 13.97 -23.96
N GLN A 122 5.09 15.12 -23.76
CA GLN A 122 5.77 15.40 -22.52
C GLN A 122 4.77 15.30 -21.38
N GLU A 123 3.47 15.60 -21.61
CA GLU A 123 2.44 15.38 -20.60
C GLU A 123 2.42 13.91 -20.16
N ALA A 124 2.46 13.03 -21.15
CA ALA A 124 2.48 11.61 -20.88
C ALA A 124 3.72 11.24 -20.09
N LEU A 125 4.89 11.78 -20.46
CA LEU A 125 6.12 11.42 -19.78
C LEU A 125 6.04 11.89 -18.34
N ASN A 126 5.53 13.10 -18.13
CA ASN A 126 5.46 13.62 -16.77
C ASN A 126 4.56 12.72 -15.92
N LEU A 127 3.39 12.33 -16.48
CA LEU A 127 2.49 11.48 -15.73
C LEU A 127 3.16 10.15 -15.41
N PHE A 128 3.86 9.55 -16.37
CA PHE A 128 4.51 8.27 -16.16
C PHE A 128 5.57 8.42 -15.07
N LYS A 129 6.32 9.52 -15.08
CA LYS A 129 7.34 9.75 -14.08
C LYS A 129 6.67 9.87 -12.71
N SER A 130 5.56 10.60 -12.61
CA SER A 130 4.87 10.76 -11.35
C SER A 130 4.36 9.40 -10.84
N ILE A 131 3.84 8.59 -11.72
CA ILE A 131 3.40 7.27 -11.29
C ILE A 131 4.59 6.45 -10.80
N TRP A 132 5.73 6.47 -11.51
CA TRP A 132 6.84 5.58 -11.24
C TRP A 132 7.35 5.78 -9.83
N ASN A 133 7.57 7.04 -9.44
CA ASN A 133 8.20 7.35 -8.18
C ASN A 133 7.22 7.61 -7.03
N ASN A 134 5.95 7.23 -7.22
CA ASN A 134 4.99 7.35 -6.15
C ASN A 134 5.29 6.29 -5.09
N ARG A 135 5.28 6.73 -3.82
CA ARG A 135 5.54 5.84 -2.69
C ARG A 135 4.54 4.67 -2.66
N TRP A 136 3.26 4.95 -2.87
CA TRP A 136 2.24 3.94 -2.79
C TRP A 136 2.17 3.16 -4.08
N LEU A 137 2.41 3.83 -5.22
CA LEU A 137 2.26 3.18 -6.51
C LEU A 137 3.57 2.52 -6.92
N ARG A 138 4.64 2.63 -6.14
CA ARG A 138 5.85 1.85 -6.41
C ARG A 138 5.49 0.36 -6.26
N THR A 139 6.45 -0.50 -6.58
CA THR A 139 6.19 -1.93 -6.61
C THR A 139 4.96 -2.28 -7.45
N ILE A 140 4.59 -1.42 -8.41
CA ILE A 140 3.54 -1.72 -9.35
C ILE A 140 4.10 -1.60 -10.77
N SER A 141 3.93 -2.65 -11.55
CA SER A 141 4.41 -2.68 -12.92
C SER A 141 3.47 -1.91 -13.84
N VAL A 142 4.06 -1.36 -14.91
CA VAL A 142 3.32 -0.56 -15.84
C VAL A 142 3.44 -1.19 -17.20
N ILE A 143 2.30 -1.63 -17.75
CA ILE A 143 2.22 -2.07 -19.13
C ILE A 143 1.89 -0.87 -20.01
N LEU A 144 2.87 -0.45 -20.82
CA LEU A 144 2.82 0.83 -21.50
C LEU A 144 2.43 0.59 -22.94
N PHE A 145 1.27 1.13 -23.34
CA PHE A 145 0.83 1.03 -24.71
C PHE A 145 1.07 2.34 -25.44
N LEU A 146 1.67 2.27 -26.64
CA LEU A 146 1.91 3.45 -27.46
C LEU A 146 0.96 3.42 -28.66
N ASN A 147 -0.25 3.91 -28.45
CA ASN A 147 -1.33 3.77 -29.41
C ASN A 147 -1.11 4.75 -30.56
N LYS A 148 -1.90 4.57 -31.62
CA LYS A 148 -1.92 5.49 -32.75
C LYS A 148 -0.55 5.52 -33.43
N GLN A 149 0.01 4.35 -33.72
CA GLN A 149 1.27 4.28 -34.45
C GLN A 149 1.06 4.55 -35.93
N ASP A 150 -0.13 4.20 -36.45
CA ASP A 150 -0.47 4.48 -37.83
C ASP A 150 -0.36 5.98 -38.09
N LEU A 151 -0.94 6.76 -37.19
CA LEU A 151 -0.94 8.20 -37.36
C LEU A 151 0.47 8.74 -37.26
N LEU A 152 1.29 8.18 -36.38
CA LEU A 152 2.68 8.61 -36.26
C LEU A 152 3.46 8.31 -37.56
N ALA A 153 3.23 7.15 -38.16
CA ALA A 153 3.93 6.83 -39.39
C ALA A 153 3.48 7.78 -40.50
N GLU A 154 2.16 8.03 -40.57
CA GLU A 154 1.66 8.95 -41.57
C GLU A 154 2.27 10.35 -41.38
N LYS A 155 2.38 10.80 -40.13
CA LYS A 155 2.92 12.12 -39.85
C LYS A 155 4.41 12.20 -40.20
N VAL A 156 5.17 11.15 -39.90
CA VAL A 156 6.59 11.17 -40.19
C VAL A 156 6.85 11.15 -41.70
N LEU A 157 6.09 10.34 -42.45
CA LEU A 157 6.21 10.35 -43.90
C LEU A 157 5.80 11.73 -44.44
N ALA A 158 4.73 12.31 -43.89
CA ALA A 158 4.25 13.60 -44.36
C ALA A 158 5.34 14.66 -44.18
N GLY A 159 5.97 14.68 -43.00
CA GLY A 159 7.10 15.56 -42.75
C GLY A 159 6.73 17.01 -42.49
N LYS A 160 5.43 17.30 -42.35
CA LYS A 160 4.99 18.67 -42.12
C LYS A 160 5.46 19.14 -40.73
N SER A 161 5.38 18.26 -39.73
CA SER A 161 5.80 18.59 -38.38
C SER A 161 7.05 17.81 -38.03
N LYS A 162 8.09 18.53 -37.58
CA LYS A 162 9.38 17.92 -37.28
C LYS A 162 9.43 17.58 -35.79
N LEU A 163 9.89 16.36 -35.46
CA LEU A 163 9.87 15.92 -34.03
C LEU A 163 10.95 16.66 -33.25
N GLU A 164 12.09 16.96 -33.88
CA GLU A 164 13.20 17.61 -33.13
C GLU A 164 12.66 18.90 -32.52
N ASP A 165 11.81 19.63 -33.24
CA ASP A 165 11.28 20.92 -32.73
C ASP A 165 10.74 20.70 -31.32
N TYR A 166 10.22 19.49 -31.05
CA TYR A 166 9.69 19.18 -29.74
C TYR A 166 10.69 18.47 -28.84
N PHE A 167 11.52 17.60 -29.42
CA PHE A 167 12.55 16.90 -28.67
C PHE A 167 13.91 17.08 -29.34
N PRO A 168 14.70 18.08 -28.92
CA PRO A 168 16.01 18.29 -29.51
C PRO A 168 16.88 17.04 -29.56
N GLU A 169 16.86 16.22 -28.50
CA GLU A 169 17.80 15.12 -28.41
C GLU A 169 17.54 14.10 -29.51
N PHE A 170 16.38 14.16 -30.15
CA PHE A 170 16.11 13.24 -31.25
C PHE A 170 16.97 13.56 -32.47
N ALA A 171 17.60 14.74 -32.52
CA ALA A 171 18.45 15.09 -33.64
C ALA A 171 19.72 14.25 -33.66
N ARG A 172 20.08 13.62 -32.53
CA ARG A 172 21.25 12.75 -32.50
C ARG A 172 20.89 11.30 -32.10
N TYR A 173 19.62 10.98 -31.92
CA TYR A 173 19.22 9.64 -31.54
C TYR A 173 19.57 8.67 -32.66
N THR A 174 20.00 7.47 -32.25
CA THR A 174 20.25 6.39 -33.21
C THR A 174 19.44 5.17 -32.81
N THR A 175 18.76 4.60 -33.80
CA THR A 175 18.00 3.38 -33.60
C THR A 175 18.94 2.28 -33.09
N PRO A 176 18.60 1.55 -32.02
CA PRO A 176 19.53 0.63 -31.40
C PRO A 176 19.55 -0.70 -32.16
N GLU A 177 20.66 -1.43 -32.03
CA GLU A 177 20.88 -2.66 -32.79
C GLU A 177 19.87 -3.75 -32.40
N ASP A 178 19.24 -3.63 -31.23
CA ASP A 178 18.30 -4.62 -30.75
C ASP A 178 16.89 -4.40 -31.31
N ALA A 179 16.68 -3.31 -32.07
CA ALA A 179 15.35 -3.00 -32.59
C ALA A 179 14.92 -4.04 -33.60
N THR A 180 13.61 -4.27 -33.68
CA THR A 180 13.03 -5.28 -34.54
C THR A 180 11.94 -4.64 -35.38
N PRO A 181 12.30 -3.88 -36.43
CA PRO A 181 11.31 -3.10 -37.16
C PRO A 181 10.42 -4.00 -38.01
N GLU A 182 9.18 -3.56 -38.21
CA GLU A 182 8.22 -4.28 -39.04
C GLU A 182 8.70 -4.27 -40.49
N PRO A 183 8.39 -5.32 -41.28
CA PRO A 183 8.70 -5.31 -42.71
C PRO A 183 8.05 -4.14 -43.43
N GLY A 184 8.81 -3.53 -44.34
CA GLY A 184 8.33 -2.42 -45.14
C GLY A 184 8.12 -1.13 -44.34
N GLU A 185 8.86 -0.99 -43.24
CA GLU A 185 8.81 0.21 -42.41
C GLU A 185 10.01 1.08 -42.71
N ASP A 186 9.75 2.36 -43.01
CA ASP A 186 10.83 3.29 -43.34
C ASP A 186 11.71 3.48 -42.10
N PRO A 187 13.03 3.69 -42.26
CA PRO A 187 13.89 3.85 -41.09
C PRO A 187 13.50 5.05 -40.23
N ARG A 188 12.88 6.06 -40.85
CA ARG A 188 12.48 7.25 -40.12
C ARG A 188 11.43 6.91 -39.07
N VAL A 189 10.44 6.12 -39.47
CA VAL A 189 9.37 5.73 -38.57
C VAL A 189 9.90 4.89 -37.43
N THR A 190 10.82 3.94 -37.74
CA THR A 190 11.43 3.13 -36.70
C THR A 190 12.20 4.02 -35.72
N ARG A 191 12.92 4.99 -36.25
CA ARG A 191 13.77 5.82 -35.42
C ARG A 191 12.91 6.63 -34.46
N ALA A 192 11.82 7.23 -34.97
CA ALA A 192 10.92 7.99 -34.13
C ALA A 192 10.25 7.08 -33.08
N LYS A 193 9.73 5.92 -33.54
CA LYS A 193 9.09 4.97 -32.64
C LYS A 193 10.00 4.65 -31.44
N TYR A 194 11.21 4.19 -31.75
CA TYR A 194 12.09 3.76 -30.68
C TYR A 194 12.63 4.93 -29.87
N PHE A 195 12.63 6.13 -30.46
CA PHE A 195 12.98 7.29 -29.66
C PHE A 195 11.95 7.47 -28.55
N ILE A 196 10.66 7.39 -28.93
CA ILE A 196 9.61 7.56 -27.94
C ILE A 196 9.64 6.45 -26.89
N ARG A 197 9.82 5.21 -27.33
CA ARG A 197 9.93 4.12 -26.38
C ARG A 197 11.11 4.36 -25.42
N ASP A 198 12.26 4.82 -25.93
CA ASP A 198 13.42 5.03 -25.08
C ASP A 198 13.17 6.18 -24.11
N GLU A 199 12.42 7.21 -24.55
CA GLU A 199 12.06 8.33 -23.68
C GLU A 199 11.33 7.81 -22.45
N PHE A 200 10.42 6.87 -22.67
CA PHE A 200 9.70 6.29 -21.55
C PHE A 200 10.65 5.42 -20.71
N LEU A 201 11.47 4.59 -21.37
CA LEU A 201 12.27 3.61 -20.63
C LEU A 201 13.38 4.28 -19.80
N ARG A 202 13.87 5.47 -20.21
CA ARG A 202 14.83 6.18 -19.40
C ARG A 202 14.22 6.49 -18.04
N ILE A 203 12.99 7.00 -18.04
CA ILE A 203 12.28 7.31 -16.82
C ILE A 203 12.06 6.00 -16.04
N SER A 204 11.68 4.95 -16.74
CA SER A 204 11.39 3.68 -16.09
C SER A 204 12.62 3.15 -15.34
N THR A 205 13.79 3.21 -15.95
CA THR A 205 14.99 2.61 -15.39
C THR A 205 15.82 3.62 -14.58
N ALA A 206 15.39 4.88 -14.49
CA ALA A 206 16.13 5.84 -13.70
C ALA A 206 16.12 5.43 -12.23
N SER A 207 14.96 4.99 -11.73
CA SER A 207 14.83 4.56 -10.35
C SER A 207 13.79 3.45 -10.25
N GLY A 208 14.23 2.20 -10.39
CA GLY A 208 13.34 1.06 -10.34
C GLY A 208 13.55 0.21 -9.09
N ASP A 209 14.83 0.01 -8.72
CA ASP A 209 15.20 -0.78 -7.54
C ASP A 209 14.78 -2.25 -7.68
N GLY A 210 14.39 -2.66 -8.89
CA GLY A 210 14.07 -4.05 -9.18
C GLY A 210 12.70 -4.51 -8.66
N ARG A 211 11.94 -3.61 -8.01
CA ARG A 211 10.65 -4.01 -7.43
C ARG A 211 9.59 -4.11 -8.53
N HIS A 212 9.67 -3.24 -9.54
CA HIS A 212 8.66 -3.16 -10.59
C HIS A 212 9.33 -2.77 -11.89
N TYR A 213 8.66 -3.08 -13.00
CA TYR A 213 9.23 -2.90 -14.32
C TYR A 213 8.19 -2.37 -15.29
N CYS A 214 8.67 -1.68 -16.33
CA CYS A 214 7.82 -1.15 -17.40
C CYS A 214 7.87 -2.08 -18.60
N TYR A 215 6.71 -2.33 -19.22
CA TYR A 215 6.58 -3.24 -20.34
C TYR A 215 6.00 -2.51 -21.56
N PRO A 216 6.83 -1.91 -22.42
CA PRO A 216 6.33 -1.07 -23.50
C PRO A 216 5.87 -1.89 -24.69
N HIS A 217 4.81 -1.41 -25.36
CA HIS A 217 4.24 -2.10 -26.51
C HIS A 217 3.89 -1.12 -27.62
N PHE A 218 3.86 -1.60 -28.86
CA PHE A 218 3.54 -0.76 -29.99
C PHE A 218 2.24 -1.23 -30.60
N THR A 219 1.19 -0.45 -30.39
CA THR A 219 -0.15 -0.87 -30.74
C THR A 219 -0.80 0.19 -31.61
N CYS A 220 -1.78 -0.26 -32.41
CA CYS A 220 -2.54 0.58 -33.30
C CYS A 220 -4.01 0.54 -32.87
N ALA A 221 -4.83 1.39 -33.48
CA ALA A 221 -6.26 1.43 -33.19
C ALA A 221 -7.00 0.25 -33.83
N VAL A 222 -6.35 -0.47 -34.76
CA VAL A 222 -6.96 -1.62 -35.42
C VAL A 222 -6.21 -2.88 -34.99
N ASP A 223 -5.67 -2.85 -33.77
CA ASP A 223 -4.91 -3.97 -33.21
C ASP A 223 -5.84 -4.76 -32.30
N THR A 224 -5.89 -6.08 -32.54
CA THR A 224 -6.80 -6.96 -31.83
C THR A 224 -6.07 -7.98 -30.95
N GLU A 225 -4.76 -7.81 -30.77
CA GLU A 225 -3.95 -8.77 -30.02
C GLU A 225 -3.53 -8.19 -28.67
N ASN A 226 -4.28 -7.22 -28.14
CA ASN A 226 -3.87 -6.55 -26.91
C ASN A 226 -4.10 -7.44 -25.69
N ALA A 227 -5.26 -8.10 -25.60
CA ALA A 227 -5.62 -8.83 -24.40
C ALA A 227 -4.56 -9.88 -24.08
N ARG A 228 -4.08 -10.58 -25.11
CA ARG A 228 -3.05 -11.59 -24.89
C ARG A 228 -1.78 -10.91 -24.39
N ARG A 229 -1.51 -9.70 -24.87
CA ARG A 229 -0.36 -8.96 -24.41
C ARG A 229 -0.48 -8.73 -22.91
N ILE A 230 -1.62 -8.21 -22.44
CA ILE A 230 -1.79 -7.94 -21.03
C ILE A 230 -1.67 -9.24 -20.23
N PHE A 231 -2.20 -10.32 -20.76
CA PHE A 231 -2.07 -11.61 -20.10
C PHE A 231 -0.59 -11.98 -19.93
N ASN A 232 0.21 -11.82 -21.00
CA ASN A 232 1.63 -12.14 -20.97
C ASN A 232 2.40 -11.27 -19.98
N ASP A 233 2.08 -9.99 -19.95
CA ASP A 233 2.76 -9.10 -19.02
C ASP A 233 2.37 -9.44 -17.60
N CYS A 234 1.11 -9.75 -17.36
CA CYS A 234 0.67 -10.10 -16.02
C CYS A 234 1.32 -11.40 -15.55
N ARG A 235 1.45 -12.37 -16.45
CA ARG A 235 2.13 -13.61 -16.10
C ARG A 235 3.58 -13.32 -15.76
N ASP A 236 4.22 -12.49 -16.54
CA ASP A 236 5.61 -12.14 -16.24
C ASP A 236 5.76 -11.41 -14.90
N ILE A 237 4.83 -10.51 -14.60
CA ILE A 237 4.84 -9.78 -13.34
C ILE A 237 4.73 -10.75 -12.17
N ILE A 238 3.78 -11.68 -12.25
CA ILE A 238 3.52 -12.58 -11.13
C ILE A 238 4.68 -13.56 -11.00
N GLN A 239 5.25 -14.01 -12.13
CA GLN A 239 6.44 -14.84 -12.10
C GLN A 239 7.59 -14.14 -11.41
N ARG A 240 7.82 -12.86 -11.71
CA ARG A 240 8.89 -12.13 -11.09
C ARG A 240 8.59 -11.99 -9.61
N MET A 241 7.33 -11.77 -9.22
CA MET A 241 7.02 -11.62 -7.81
C MET A 241 7.35 -12.91 -7.06
N HIS A 242 7.01 -14.05 -7.65
CA HIS A 242 7.29 -15.33 -7.01
C HIS A 242 8.80 -15.56 -6.93
N LEU A 243 9.52 -15.23 -8.01
CA LEU A 243 10.97 -15.54 -8.05
C LEU A 243 11.72 -14.70 -7.01
N ARG A 244 11.33 -13.43 -6.85
CA ARG A 244 12.04 -12.55 -5.88
C ARG A 244 11.76 -13.03 -4.46
N GLN A 245 10.54 -13.53 -4.21
CA GLN A 245 10.18 -13.96 -2.83
C GLN A 245 10.93 -15.26 -2.50
N TYR A 246 11.17 -16.13 -3.49
CA TYR A 246 11.96 -17.35 -3.24
C TYR A 246 13.45 -17.00 -3.39
N GLU A 247 13.76 -15.73 -3.65
CA GLU A 247 15.17 -15.29 -3.77
C GLU A 247 15.87 -16.06 -4.90
N LEU A 248 15.18 -16.27 -6.01
CA LEU A 248 15.77 -16.98 -7.17
C LEU A 248 16.05 -15.96 -8.27
N LEU A 249 15.87 -14.66 -7.99
CA LEU A 249 16.05 -13.62 -9.03
C LEU A 249 16.32 -12.28 -8.35
N GLN B 6 -8.06 44.23 -9.87
CA GLN B 6 -8.23 45.31 -8.86
C GLN B 6 -8.99 44.76 -7.66
N LEU B 7 -9.78 43.71 -7.86
CA LEU B 7 -10.57 43.11 -6.79
C LEU B 7 -9.64 42.36 -5.83
N ARG B 8 -8.59 41.73 -6.38
CA ARG B 8 -7.61 41.01 -5.59
C ARG B 8 -6.87 41.97 -4.65
N GLN B 9 -6.85 43.27 -4.98
CA GLN B 9 -6.18 44.25 -4.14
C GLN B 9 -6.88 44.37 -2.79
N GLU B 10 -8.20 44.59 -2.80
CA GLU B 10 -8.92 44.68 -1.55
C GLU B 10 -9.02 43.30 -0.89
N ALA B 11 -9.07 42.24 -1.68
CA ALA B 11 -9.02 40.89 -1.12
C ALA B 11 -7.74 40.71 -0.29
N GLU B 12 -6.58 41.09 -0.86
CA GLU B 12 -5.30 40.90 -0.20
C GLU B 12 -5.19 41.79 1.04
N GLN B 13 -5.63 43.05 0.94
CA GLN B 13 -5.50 43.95 2.08
C GLN B 13 -6.44 43.52 3.21
N LEU B 14 -7.62 42.99 2.86
CA LEU B 14 -8.54 42.50 3.88
C LEU B 14 -7.99 41.23 4.54
N LYS B 15 -7.32 40.37 3.78
CA LYS B 15 -6.63 39.23 4.37
C LYS B 15 -5.53 39.71 5.34
N ASN B 16 -4.82 40.78 4.97
CA ASN B 16 -3.82 41.35 5.85
C ASN B 16 -4.45 41.86 7.13
N GLN B 17 -5.61 42.52 7.02
CA GLN B 17 -6.32 43.04 8.19
C GLN B 17 -6.75 41.88 9.09
N ILE B 18 -7.24 40.79 8.48
CA ILE B 18 -7.67 39.62 9.25
C ILE B 18 -6.47 39.02 9.98
N ARG B 19 -5.33 38.92 9.30
CA ARG B 19 -4.13 38.37 9.92
C ARG B 19 -3.66 39.26 11.08
N ASP B 20 -3.75 40.59 10.89
CA ASP B 20 -3.37 41.51 11.95
C ASP B 20 -4.29 41.35 13.17
N ALA B 21 -5.60 41.16 12.92
CA ALA B 21 -6.54 40.91 14.01
C ALA B 21 -6.21 39.61 14.73
N ARG B 22 -5.84 38.58 13.97
CA ARG B 22 -5.47 37.29 14.54
C ARG B 22 -4.25 37.45 15.44
N LYS B 23 -3.24 38.22 14.97
CA LYS B 23 -2.03 38.45 15.75
C LYS B 23 -2.36 39.24 17.01
N ALA B 24 -3.24 40.23 16.90
CA ALA B 24 -3.63 41.05 18.05
C ALA B 24 -4.33 40.19 19.10
N CYS B 25 -5.20 39.28 18.67
CA CYS B 25 -5.93 38.41 19.57
C CYS B 25 -5.02 37.34 20.19
N ALA B 26 -3.80 37.18 19.68
CA ALA B 26 -2.86 36.18 20.20
C ALA B 26 -1.95 36.84 21.23
N ASP B 27 -2.15 36.49 22.50
CA ASP B 27 -1.34 37.02 23.59
C ASP B 27 -0.42 35.94 24.15
N ALA B 28 -0.98 34.76 24.45
CA ALA B 28 -0.21 33.64 24.96
C ALA B 28 -0.53 32.38 24.17
N THR B 29 0.47 31.53 23.99
CA THR B 29 0.31 30.28 23.28
C THR B 29 0.00 29.15 24.26
N LEU B 30 -0.46 28.02 23.73
CA LEU B 30 -0.79 26.86 24.55
C LEU B 30 0.49 26.08 24.84
N SER B 31 1.52 26.77 25.35
CA SER B 31 2.78 26.14 25.70
C SER B 31 3.25 26.60 27.08
N GLN B 32 3.07 27.89 27.39
CA GLN B 32 3.43 28.42 28.69
C GLN B 32 2.30 28.22 29.69
N ILE B 33 1.04 28.31 29.24
CA ILE B 33 -0.11 28.12 30.10
C ILE B 33 -0.19 26.66 30.53
N THR B 34 0.20 25.75 29.64
CA THR B 34 0.07 24.32 29.92
C THR B 34 1.32 23.76 30.61
N ASN B 35 2.48 24.42 30.48
CA ASN B 35 3.73 23.88 30.99
C ASN B 35 3.69 23.66 32.50
N ASN B 36 2.76 24.32 33.20
CA ASN B 36 2.74 24.27 34.66
C ASN B 36 2.22 22.92 35.15
N ILE B 37 1.29 22.28 34.42
CA ILE B 37 0.70 21.03 34.88
C ILE B 37 1.70 19.89 34.67
N ASP B 38 1.46 18.80 35.41
CA ASP B 38 2.34 17.65 35.34
C ASP B 38 2.17 16.94 34.00
N PRO B 39 3.22 16.26 33.51
CA PRO B 39 3.12 15.53 32.25
C PRO B 39 2.18 14.33 32.40
N VAL B 40 1.57 13.94 31.28
CA VAL B 40 0.56 12.90 31.25
C VAL B 40 1.14 11.55 31.66
N GLY B 41 2.41 11.29 31.31
CA GLY B 41 3.07 10.05 31.72
C GLY B 41 3.64 9.29 30.54
N ARG B 42 3.76 7.97 30.71
CA ARG B 42 4.22 7.08 29.66
C ARG B 42 3.13 6.05 29.41
N ILE B 43 2.22 6.39 28.49
CA ILE B 43 1.09 5.53 28.19
C ILE B 43 1.54 4.41 27.26
N GLN B 44 1.35 3.17 27.73
CA GLN B 44 1.61 2.00 26.93
C GLN B 44 0.29 1.24 26.81
N MET B 45 -0.04 0.87 25.57
CA MET B 45 -1.25 0.13 25.28
C MET B 45 -0.85 -1.10 24.49
N ARG B 46 -1.66 -2.14 24.61
CA ARG B 46 -1.37 -3.38 23.89
C ARG B 46 -2.68 -3.88 23.30
N THR B 47 -2.57 -4.69 22.27
CA THR B 47 -3.71 -5.10 21.50
C THR B 47 -4.55 -6.10 22.29
N ARG B 48 -5.65 -5.62 22.86
CA ARG B 48 -6.59 -6.50 23.51
C ARG B 48 -7.17 -7.48 22.50
N ARG B 49 -7.69 -6.96 21.38
CA ARG B 49 -8.30 -7.82 20.38
C ARG B 49 -7.75 -7.48 19.00
N THR B 50 -7.55 -8.50 18.18
CA THR B 50 -7.17 -8.34 16.78
C THR B 50 -8.25 -8.95 15.93
N LEU B 51 -8.95 -8.10 15.17
CA LEU B 51 -10.03 -8.55 14.32
C LEU B 51 -9.46 -8.92 12.96
N ARG B 52 -9.79 -10.12 12.49
CA ARG B 52 -9.29 -10.63 11.22
C ARG B 52 -10.48 -11.05 10.36
N GLY B 53 -10.37 -10.80 9.06
CA GLY B 53 -11.45 -11.23 8.17
C GLY B 53 -11.49 -10.46 6.86
N HIS B 54 -11.03 -9.22 6.84
CA HIS B 54 -10.98 -8.47 5.59
C HIS B 54 -9.91 -9.03 4.67
N LEU B 55 -10.21 -9.05 3.36
CA LEU B 55 -9.31 -9.58 2.36
C LEU B 55 -8.31 -8.52 1.94
N ALA B 56 -8.82 -7.32 1.63
CA ALA B 56 -7.98 -6.21 1.16
C ALA B 56 -7.76 -5.21 2.29
N LYS B 57 -7.12 -4.09 1.96
CA LYS B 57 -6.83 -3.05 2.93
C LYS B 57 -8.08 -2.28 3.35
N ILE B 58 -8.16 -2.00 4.65
CA ILE B 58 -9.25 -1.24 5.22
C ILE B 58 -9.01 0.24 4.97
N TYR B 59 -10.08 0.98 4.64
CA TYR B 59 -9.94 2.42 4.61
C TYR B 59 -10.57 3.08 5.83
N ALA B 60 -11.77 2.65 6.22
CA ALA B 60 -12.46 3.39 7.24
C ALA B 60 -13.20 2.45 8.18
N MET B 61 -13.68 3.01 9.27
CA MET B 61 -14.47 2.29 10.25
C MET B 61 -15.12 3.31 11.18
N HIS B 62 -16.07 2.85 11.97
CA HIS B 62 -16.82 3.76 12.78
C HIS B 62 -17.38 2.93 13.94
N TRP B 63 -17.19 3.40 15.16
CA TRP B 63 -17.77 2.70 16.28
C TRP B 63 -19.28 2.92 16.30
N GLY B 64 -19.97 2.09 17.09
CA GLY B 64 -21.34 2.36 17.51
C GLY B 64 -21.38 3.33 18.71
N THR B 65 -22.58 3.81 18.98
CA THR B 65 -22.79 4.65 20.15
C THR B 65 -22.79 3.78 21.40
N ASP B 66 -23.08 2.48 21.29
CA ASP B 66 -23.01 1.61 22.46
C ASP B 66 -21.59 1.11 22.75
N SER B 67 -20.61 1.49 21.94
CA SER B 67 -19.22 1.12 22.15
C SER B 67 -19.03 -0.41 22.08
N ARG B 68 -19.92 -1.09 21.35
CA ARG B 68 -19.90 -2.53 21.27
C ARG B 68 -19.51 -2.92 19.85
N LEU B 69 -20.30 -2.42 18.91
CA LEU B 69 -20.26 -2.85 17.55
C LEU B 69 -19.45 -1.83 16.79
N LEU B 70 -18.82 -2.27 15.69
CA LEU B 70 -18.14 -1.36 14.78
C LEU B 70 -18.25 -1.90 13.37
N VAL B 71 -18.52 -1.02 12.40
CA VAL B 71 -18.40 -1.33 11.00
C VAL B 71 -17.01 -0.97 10.47
N SER B 72 -16.56 -1.74 9.50
CA SER B 72 -15.30 -1.48 8.82
C SER B 72 -15.46 -1.72 7.33
N ALA B 73 -14.78 -0.90 6.53
CA ALA B 73 -14.87 -0.91 5.08
C ALA B 73 -13.53 -1.35 4.49
N SER B 74 -13.60 -2.31 3.57
CA SER B 74 -12.42 -2.82 2.90
C SER B 74 -12.65 -2.89 1.39
N GLN B 75 -11.53 -2.73 0.69
CA GLN B 75 -11.45 -2.61 -0.75
C GLN B 75 -11.82 -3.90 -1.48
N ASP B 76 -11.89 -5.05 -0.82
CA ASP B 76 -12.45 -6.21 -1.47
C ASP B 76 -13.95 -6.03 -1.69
N GLY B 77 -14.51 -4.98 -1.11
CA GLY B 77 -15.92 -4.64 -1.29
C GLY B 77 -16.75 -5.10 -0.11
N LYS B 78 -16.17 -5.07 1.08
CA LYS B 78 -16.82 -5.66 2.24
C LYS B 78 -17.04 -4.59 3.29
N LEU B 79 -18.26 -4.61 3.84
CA LEU B 79 -18.61 -3.80 4.99
C LEU B 79 -18.94 -4.76 6.13
N ILE B 80 -18.03 -4.90 7.07
CA ILE B 80 -18.12 -5.96 8.05
C ILE B 80 -18.36 -5.33 9.43
N ILE B 81 -19.39 -5.85 10.14
CA ILE B 81 -19.71 -5.37 11.46
C ILE B 81 -19.18 -6.34 12.50
N TRP B 82 -18.38 -5.84 13.44
CA TRP B 82 -17.75 -6.67 14.45
C TRP B 82 -18.35 -6.36 15.80
N ASP B 83 -18.51 -7.39 16.62
CA ASP B 83 -18.73 -7.24 18.04
C ASP B 83 -17.35 -7.16 18.68
N SER B 84 -17.02 -6.02 19.28
CA SER B 84 -15.66 -5.74 19.71
C SER B 84 -15.26 -6.65 20.87
N TYR B 85 -16.16 -6.89 21.86
CA TYR B 85 -15.75 -7.64 23.04
C TYR B 85 -15.40 -9.09 22.69
N THR B 86 -16.23 -9.71 21.85
CA THR B 86 -16.10 -11.13 21.59
C THR B 86 -15.45 -11.44 20.23
N THR B 87 -15.04 -10.42 19.48
CA THR B 87 -14.43 -10.52 18.16
C THR B 87 -15.30 -11.24 17.13
N ASN B 88 -16.55 -11.54 17.50
CA ASN B 88 -17.43 -12.18 16.55
C ASN B 88 -17.88 -11.18 15.48
N LYS B 89 -18.20 -11.68 14.30
CA LYS B 89 -18.84 -10.86 13.28
C LYS B 89 -20.34 -10.89 13.48
N VAL B 90 -21.01 -9.84 12.98
CA VAL B 90 -22.45 -9.76 13.06
C VAL B 90 -23.09 -9.72 11.68
N HIS B 91 -22.55 -8.87 10.82
CA HIS B 91 -22.99 -8.78 9.45
C HIS B 91 -21.77 -8.66 8.53
N ALA B 92 -21.91 -9.17 7.31
CA ALA B 92 -20.90 -8.98 6.28
C ALA B 92 -21.61 -8.60 4.98
N ILE B 93 -21.59 -7.30 4.67
CA ILE B 93 -22.29 -6.75 3.53
C ILE B 93 -21.38 -6.70 2.33
N PRO B 94 -21.80 -7.27 1.16
CA PRO B 94 -21.00 -7.18 -0.05
C PRO B 94 -21.41 -5.93 -0.82
N LEU B 95 -20.41 -5.12 -1.19
CA LEU B 95 -20.66 -3.82 -1.79
C LEU B 95 -20.78 -3.94 -3.30
N ARG B 96 -21.57 -3.03 -3.89
CA ARG B 96 -21.68 -2.98 -5.34
C ARG B 96 -20.36 -2.52 -5.95
N SER B 97 -19.71 -1.52 -5.33
CA SER B 97 -18.42 -1.02 -5.78
C SER B 97 -17.35 -1.33 -4.73
N SER B 98 -16.20 -1.83 -5.17
CA SER B 98 -15.15 -2.27 -4.26
C SER B 98 -14.23 -1.12 -3.82
N TRP B 99 -14.44 0.06 -4.35
CA TRP B 99 -13.56 1.17 -3.99
C TRP B 99 -14.23 2.06 -2.96
N VAL B 100 -14.49 1.51 -1.78
CA VAL B 100 -15.12 2.27 -0.73
C VAL B 100 -14.05 2.98 0.12
N MET B 101 -14.17 4.31 0.26
CA MET B 101 -13.19 5.08 0.97
C MET B 101 -13.68 5.55 2.34
N THR B 102 -14.95 5.29 2.71
CA THR B 102 -15.46 5.72 3.99
C THR B 102 -16.66 4.89 4.40
N CYS B 103 -16.92 4.84 5.70
CA CYS B 103 -18.15 4.22 6.20
C CYS B 103 -18.59 4.92 7.47
N ALA B 104 -19.90 4.88 7.74
CA ALA B 104 -20.45 5.42 8.96
C ALA B 104 -21.44 4.46 9.55
N TYR B 105 -21.48 4.39 10.87
CA TYR B 105 -22.48 3.61 11.59
C TYR B 105 -23.44 4.57 12.27
N ALA B 106 -24.74 4.42 11.99
CA ALA B 106 -25.69 5.44 12.44
C ALA B 106 -25.69 5.52 13.96
N PRO B 107 -25.97 6.68 14.56
CA PRO B 107 -25.94 6.80 16.02
C PRO B 107 -27.03 5.96 16.70
N SER B 108 -28.16 5.80 16.01
CA SER B 108 -29.20 4.90 16.51
C SER B 108 -28.85 3.44 16.28
N GLY B 109 -27.82 3.19 15.46
CA GLY B 109 -27.37 1.82 15.21
C GLY B 109 -28.16 1.12 14.12
N ASN B 110 -29.15 1.81 13.55
CA ASN B 110 -30.05 1.13 12.62
C ASN B 110 -29.43 1.06 11.23
N TYR B 111 -28.64 2.07 10.87
CA TYR B 111 -28.19 2.27 9.50
C TYR B 111 -26.67 2.22 9.42
N VAL B 112 -26.18 1.79 8.25
CA VAL B 112 -24.78 1.98 7.90
C VAL B 112 -24.65 2.69 6.55
N ALA B 113 -23.66 3.57 6.40
CA ALA B 113 -23.43 4.22 5.12
C ALA B 113 -22.04 3.85 4.61
N CYS B 114 -21.86 3.84 3.29
CA CYS B 114 -20.52 3.77 2.71
C CYS B 114 -20.50 4.35 1.29
N GLY B 115 -19.37 4.94 0.92
CA GLY B 115 -19.21 5.34 -0.45
C GLY B 115 -17.75 5.46 -0.83
N GLY B 116 -17.45 5.92 -2.05
CA GLY B 116 -16.08 6.05 -2.50
C GLY B 116 -15.95 6.53 -3.93
N LEU B 117 -15.16 5.84 -4.76
CA LEU B 117 -14.93 6.24 -6.14
C LEU B 117 -16.20 6.14 -6.97
N ASP B 118 -17.19 5.40 -6.50
CA ASP B 118 -18.35 5.15 -7.32
C ASP B 118 -19.23 6.39 -7.43
N ASN B 119 -18.95 7.41 -6.60
CA ASN B 119 -19.63 8.70 -6.62
C ASN B 119 -20.99 8.69 -5.90
N ILE B 120 -21.45 7.54 -5.39
CA ILE B 120 -22.74 7.46 -4.76
C ILE B 120 -22.51 6.99 -3.33
N CYS B 121 -23.31 7.54 -2.40
CA CYS B 121 -23.32 7.10 -1.01
C CYS B 121 -24.44 6.10 -0.77
N SER B 122 -24.09 4.84 -0.47
CA SER B 122 -25.08 3.81 -0.24
C SER B 122 -25.40 3.72 1.25
N ILE B 123 -26.71 3.70 1.58
CA ILE B 123 -27.17 3.61 2.95
C ILE B 123 -27.96 2.34 3.10
N TYR B 124 -27.60 1.57 4.13
CA TYR B 124 -28.09 0.22 4.39
C TYR B 124 -28.81 0.17 5.73
N ASN B 125 -29.92 -0.57 5.81
CA ASN B 125 -30.61 -0.77 7.07
C ASN B 125 -30.27 -2.14 7.61
N LEU B 126 -30.09 -2.21 8.94
CA LEU B 126 -29.58 -3.41 9.60
C LEU B 126 -30.72 -4.22 10.25
N LYS B 127 -31.93 -3.66 10.36
CA LYS B 127 -32.97 -4.26 11.17
C LYS B 127 -34.26 -4.40 10.37
N THR B 128 -34.15 -4.99 9.20
CA THR B 128 -35.31 -5.29 8.39
C THR B 128 -36.19 -6.33 9.09
N ARG B 129 -37.47 -6.33 8.71
CA ARG B 129 -38.42 -7.32 9.19
C ARG B 129 -37.99 -8.72 8.76
N GLU B 130 -37.54 -8.86 7.51
CA GLU B 130 -37.06 -10.14 6.99
C GLU B 130 -35.82 -10.59 7.76
N GLY B 131 -34.90 -9.65 8.00
CA GLY B 131 -33.68 -9.94 8.76
C GLY B 131 -32.41 -9.58 8.01
N ASN B 132 -32.43 -9.78 6.69
CA ASN B 132 -31.25 -9.54 5.87
C ASN B 132 -31.00 -8.03 5.71
N VAL B 133 -29.77 -7.69 5.30
CA VAL B 133 -29.38 -6.31 5.12
C VAL B 133 -29.37 -6.00 3.63
N ARG B 134 -30.08 -4.93 3.25
CA ARG B 134 -30.23 -4.57 1.86
C ARG B 134 -30.03 -3.08 1.69
N VAL B 135 -30.01 -2.64 0.42
CA VAL B 135 -29.79 -1.24 0.09
C VAL B 135 -31.03 -0.46 0.50
N SER B 136 -30.90 0.36 1.54
CA SER B 136 -31.98 1.23 1.96
C SER B 136 -32.17 2.34 0.93
N ARG B 137 -31.09 3.01 0.56
CA ARG B 137 -31.18 4.05 -0.45
C ARG B 137 -29.80 4.49 -0.89
N GLU B 138 -29.68 4.81 -2.20
CA GLU B 138 -28.44 5.29 -2.77
C GLU B 138 -28.59 6.77 -3.07
N LEU B 139 -27.67 7.57 -2.52
CA LEU B 139 -27.70 9.01 -2.73
C LEU B 139 -26.68 9.37 -3.79
N ALA B 140 -27.14 10.03 -4.87
CA ALA B 140 -26.27 10.47 -5.93
C ALA B 140 -26.42 11.97 -6.14
N GLY B 141 -25.40 12.56 -6.75
CA GLY B 141 -25.40 13.99 -6.96
C GLY B 141 -23.99 14.55 -6.95
N HIS B 142 -23.10 13.91 -6.19
CA HIS B 142 -21.71 14.34 -6.21
C HIS B 142 -21.02 13.92 -7.51
N THR B 143 -20.03 14.70 -7.90
CA THR B 143 -19.27 14.49 -9.13
C THR B 143 -17.82 14.17 -8.81
N GLY B 144 -17.58 13.66 -7.59
CA GLY B 144 -16.26 13.22 -7.17
C GLY B 144 -16.37 12.14 -6.11
N TYR B 145 -15.27 11.45 -5.85
CA TYR B 145 -15.27 10.39 -4.86
C TYR B 145 -15.65 10.95 -3.49
N LEU B 146 -16.44 10.17 -2.74
CA LEU B 146 -16.81 10.55 -1.39
C LEU B 146 -15.71 10.16 -0.42
N SER B 147 -15.15 11.16 0.26
CA SER B 147 -14.07 10.88 1.16
C SER B 147 -14.58 10.49 2.55
N CYS B 148 -15.69 11.08 2.98
CA CYS B 148 -16.23 10.82 4.29
C CYS B 148 -17.74 11.04 4.27
N CYS B 149 -18.45 10.30 5.14
CA CYS B 149 -19.86 10.53 5.38
C CYS B 149 -20.16 10.26 6.84
N ARG B 150 -21.05 11.04 7.43
CA ARG B 150 -21.40 10.93 8.83
C ARG B 150 -22.86 11.26 9.03
N PHE B 151 -23.48 10.69 10.06
CA PHE B 151 -24.91 10.83 10.24
C PHE B 151 -25.24 11.86 11.33
N LEU B 152 -26.18 12.76 11.01
CA LEU B 152 -26.82 13.60 12.00
C LEU B 152 -27.82 12.76 12.79
N ASP B 153 -28.70 12.04 12.08
CA ASP B 153 -29.68 11.18 12.70
C ASP B 153 -30.05 10.10 11.68
N ASP B 154 -31.17 9.41 11.89
CA ASP B 154 -31.55 8.32 11.01
C ASP B 154 -32.00 8.81 9.62
N ASN B 155 -32.32 10.10 9.50
CA ASN B 155 -33.03 10.60 8.33
C ASN B 155 -32.28 11.80 7.74
N GLN B 156 -31.01 11.96 8.10
CA GLN B 156 -30.26 13.13 7.68
C GLN B 156 -28.78 12.84 7.81
N ILE B 157 -28.06 12.87 6.70
CA ILE B 157 -26.65 12.47 6.64
C ILE B 157 -25.80 13.55 5.98
N VAL B 158 -24.59 13.76 6.47
CA VAL B 158 -23.66 14.76 5.92
C VAL B 158 -22.52 14.03 5.22
N THR B 159 -22.23 14.46 3.98
CA THR B 159 -21.22 13.79 3.15
C THR B 159 -20.24 14.81 2.59
N SER B 160 -19.02 14.37 2.31
CA SER B 160 -17.99 15.24 1.76
C SER B 160 -17.27 14.56 0.61
N SER B 161 -17.23 15.21 -0.55
CA SER B 161 -16.79 14.54 -1.77
C SER B 161 -15.48 15.11 -2.27
N GLY B 162 -14.94 14.44 -3.31
CA GLY B 162 -13.74 14.86 -3.99
C GLY B 162 -13.97 15.94 -5.05
N ASP B 163 -15.21 16.42 -5.19
CA ASP B 163 -15.54 17.49 -6.10
C ASP B 163 -15.64 18.83 -5.37
N THR B 164 -14.84 19.01 -4.29
CA THR B 164 -14.77 20.23 -3.52
C THR B 164 -16.12 20.67 -2.93
N THR B 165 -16.90 19.72 -2.40
CA THR B 165 -18.22 20.05 -1.91
C THR B 165 -18.62 19.09 -0.80
N CYS B 166 -19.27 19.65 0.22
CA CYS B 166 -20.03 18.86 1.16
C CYS B 166 -21.53 18.94 0.84
N ALA B 167 -22.28 17.92 1.25
CA ALA B 167 -23.70 17.85 0.93
C ALA B 167 -24.44 17.31 2.15
N LEU B 168 -25.54 17.97 2.51
CA LEU B 168 -26.41 17.53 3.58
C LEU B 168 -27.64 16.94 2.92
N TRP B 169 -27.88 15.67 3.23
CA TRP B 169 -28.93 14.91 2.57
C TRP B 169 -30.06 14.60 3.53
N ASP B 170 -31.28 14.78 3.05
CA ASP B 170 -32.44 14.19 3.67
C ASP B 170 -32.63 12.81 3.05
N ILE B 171 -32.54 11.76 3.86
CA ILE B 171 -32.48 10.42 3.33
C ILE B 171 -33.83 10.00 2.77
N GLU B 172 -34.95 10.37 3.41
CA GLU B 172 -36.25 9.92 2.92
C GLU B 172 -36.49 10.38 1.49
N THR B 173 -36.30 11.67 1.21
CA THR B 173 -36.52 12.19 -0.13
C THR B 173 -35.38 11.80 -1.07
N GLY B 174 -34.17 11.73 -0.53
CA GLY B 174 -33.00 11.33 -1.31
C GLY B 174 -32.23 12.51 -1.89
N GLN B 175 -32.72 13.74 -1.70
CA GLN B 175 -32.10 14.92 -2.31
C GLN B 175 -31.18 15.60 -1.31
N GLN B 176 -30.17 16.27 -1.83
CA GLN B 176 -29.24 17.01 -0.99
C GLN B 176 -29.92 18.29 -0.53
N THR B 177 -30.34 18.31 0.73
CA THR B 177 -31.01 19.45 1.30
C THR B 177 -30.13 20.69 1.24
N THR B 178 -28.82 20.53 1.45
CA THR B 178 -27.94 21.68 1.42
C THR B 178 -26.65 21.30 0.69
N THR B 179 -26.06 22.28 -0.01
CA THR B 179 -24.82 22.09 -0.74
C THR B 179 -23.78 23.08 -0.23
N PHE B 180 -22.89 22.60 0.62
CA PHE B 180 -21.82 23.42 1.15
C PHE B 180 -20.67 23.50 0.15
N THR B 181 -20.38 24.72 -0.30
CA THR B 181 -19.32 24.97 -1.26
C THR B 181 -18.39 26.06 -0.75
N GLY B 182 -17.17 26.06 -1.24
CA GLY B 182 -16.18 26.97 -0.72
C GLY B 182 -14.76 26.44 -0.78
N HIS B 183 -14.59 25.12 -0.73
CA HIS B 183 -13.25 24.55 -0.75
C HIS B 183 -12.70 24.54 -2.16
N THR B 184 -11.36 24.61 -2.25
CA THR B 184 -10.69 24.67 -3.54
C THR B 184 -10.24 23.27 -3.97
N GLY B 185 -9.81 22.45 -3.01
CA GLY B 185 -9.32 21.10 -3.30
C GLY B 185 -10.26 20.02 -2.81
N ASP B 186 -9.88 18.76 -3.06
CA ASP B 186 -10.69 17.61 -2.65
C ASP B 186 -10.93 17.67 -1.15
N VAL B 187 -12.21 17.59 -0.74
CA VAL B 187 -12.54 17.52 0.66
C VAL B 187 -12.30 16.10 1.15
N MET B 188 -11.39 15.90 2.07
CA MET B 188 -10.90 14.56 2.36
C MET B 188 -11.45 14.00 3.68
N SER B 189 -11.90 14.85 4.61
CA SER B 189 -12.29 14.42 5.94
C SER B 189 -13.48 15.25 6.39
N LEU B 190 -14.18 14.76 7.40
CA LEU B 190 -15.40 15.37 7.88
C LEU B 190 -15.56 14.96 9.36
N SER B 191 -15.85 15.93 10.20
CA SER B 191 -16.07 15.69 11.62
C SER B 191 -17.26 16.52 12.11
N LEU B 192 -18.13 15.94 12.94
CA LEU B 192 -19.35 16.62 13.37
C LEU B 192 -19.30 16.93 14.86
N ALA B 193 -19.93 18.05 15.19
CA ALA B 193 -19.93 18.54 16.55
C ALA B 193 -20.85 17.67 17.41
N PRO B 194 -20.66 17.65 18.74
CA PRO B 194 -21.54 16.90 19.61
C PRO B 194 -22.99 17.38 19.57
N ASP B 195 -23.22 18.68 19.30
CA ASP B 195 -24.57 19.19 19.17
C ASP B 195 -25.21 18.88 17.82
N THR B 196 -24.42 18.37 16.86
CA THR B 196 -24.87 18.07 15.50
C THR B 196 -25.52 19.29 14.85
N ARG B 197 -24.97 20.48 15.11
CA ARG B 197 -25.40 21.72 14.48
C ARG B 197 -24.30 22.33 13.62
N LEU B 198 -23.04 22.10 13.98
CA LEU B 198 -21.87 22.57 13.24
C LEU B 198 -21.06 21.35 12.79
N PHE B 199 -20.20 21.55 11.79
CA PHE B 199 -19.27 20.52 11.37
C PHE B 199 -18.13 21.11 10.58
N VAL B 200 -16.93 20.62 10.85
CA VAL B 200 -15.73 21.07 10.18
C VAL B 200 -15.36 20.09 9.08
N SER B 201 -14.77 20.60 8.00
CA SER B 201 -14.36 19.76 6.87
C SER B 201 -13.00 20.23 6.40
N GLY B 202 -12.07 19.28 6.24
CA GLY B 202 -10.73 19.60 5.78
C GLY B 202 -10.52 19.12 4.35
N ALA B 203 -9.89 19.96 3.51
CA ALA B 203 -9.73 19.63 2.12
C ALA B 203 -8.26 19.66 1.71
N CYS B 204 -8.01 19.48 0.41
CA CYS B 204 -6.60 19.43 -0.07
C CYS B 204 -5.99 20.82 -0.24
N ASP B 205 -6.79 21.90 -0.23
CA ASP B 205 -6.18 23.20 -0.32
C ASP B 205 -5.51 23.63 1.00
N ALA B 206 -5.19 22.68 1.89
CA ALA B 206 -4.66 22.99 3.22
C ALA B 206 -5.57 23.99 3.97
N SER B 207 -6.85 23.67 4.05
CA SER B 207 -7.81 24.52 4.71
C SER B 207 -8.91 23.66 5.33
N ALA B 208 -9.34 24.06 6.52
CA ALA B 208 -10.47 23.44 7.19
C ALA B 208 -11.55 24.50 7.38
N LYS B 209 -12.76 24.18 6.95
CA LYS B 209 -13.87 25.14 6.98
C LYS B 209 -14.95 24.63 7.93
N LEU B 210 -15.42 25.52 8.82
CA LEU B 210 -16.56 25.27 9.68
C LEU B 210 -17.86 25.63 8.97
N TRP B 211 -18.84 24.74 9.06
CA TRP B 211 -20.13 24.96 8.45
C TRP B 211 -21.23 24.84 9.49
N ASP B 212 -22.19 25.76 9.40
CA ASP B 212 -23.46 25.62 10.10
C ASP B 212 -24.41 24.82 9.21
N VAL B 213 -24.96 23.74 9.75
CA VAL B 213 -25.80 22.84 8.96
C VAL B 213 -27.06 23.55 8.49
N ARG B 214 -27.64 24.39 9.35
CA ARG B 214 -28.88 25.11 9.00
C ARG B 214 -28.58 26.20 7.96
N GLU B 215 -27.56 27.03 8.23
CA GLU B 215 -27.29 28.20 7.40
C GLU B 215 -26.86 27.79 6.00
N GLY B 216 -26.02 26.76 5.92
CA GLY B 216 -25.56 26.26 4.63
C GLY B 216 -24.39 27.04 4.05
N MET B 217 -23.80 27.96 4.83
CA MET B 217 -22.65 28.72 4.39
C MET B 217 -21.57 28.67 5.47
N CYS B 218 -20.31 28.63 5.03
CA CYS B 218 -19.18 28.46 5.94
C CYS B 218 -19.10 29.65 6.90
N ARG B 219 -18.87 29.38 8.18
CA ARG B 219 -18.80 30.41 9.19
C ARG B 219 -17.36 30.87 9.41
N GLN B 220 -16.40 29.94 9.46
CA GLN B 220 -15.01 30.27 9.66
C GLN B 220 -14.11 29.36 8.84
N THR B 221 -12.90 29.85 8.54
CA THR B 221 -11.93 29.11 7.75
C THR B 221 -10.61 29.12 8.50
N PHE B 222 -9.89 28.00 8.42
CA PHE B 222 -8.69 27.79 9.21
C PHE B 222 -7.58 27.30 8.30
N THR B 223 -6.49 28.06 8.27
CA THR B 223 -5.31 27.71 7.50
C THR B 223 -4.11 27.69 8.44
N GLY B 224 -3.02 27.11 7.96
CA GLY B 224 -1.87 26.92 8.81
C GLY B 224 -1.06 25.71 8.38
N HIS B 225 -1.73 24.73 7.76
CA HIS B 225 -1.01 23.62 7.18
C HIS B 225 -0.22 24.05 5.92
N GLU B 226 0.59 23.11 5.46
CA GLU B 226 1.45 23.30 4.32
C GLU B 226 1.16 22.29 3.22
N SER B 227 0.18 21.42 3.40
CA SER B 227 -0.12 20.42 2.38
C SER B 227 -1.53 19.91 2.61
N ASP B 228 -1.88 18.83 1.92
CA ASP B 228 -3.27 18.30 1.94
C ASP B 228 -3.67 17.80 3.33
N ILE B 229 -4.86 18.18 3.79
CA ILE B 229 -5.42 17.71 5.05
C ILE B 229 -6.11 16.35 4.82
N ASN B 230 -5.83 15.39 5.68
CA ASN B 230 -6.38 14.05 5.53
C ASN B 230 -7.43 13.71 6.57
N ALA B 231 -7.23 14.14 7.82
CA ALA B 231 -8.09 13.78 8.91
C ALA B 231 -8.45 15.00 9.73
N ILE B 232 -9.64 14.98 10.35
CA ILE B 232 -10.08 16.07 11.19
C ILE B 232 -11.05 15.54 12.25
N CYS B 233 -11.13 16.19 13.41
CA CYS B 233 -11.87 15.65 14.54
C CYS B 233 -12.12 16.72 15.59
N PHE B 234 -13.37 16.92 16.07
CA PHE B 234 -13.59 17.89 17.12
C PHE B 234 -13.04 17.39 18.44
N PHE B 235 -12.56 18.34 19.24
CA PHE B 235 -12.30 18.14 20.63
C PHE B 235 -13.62 17.79 21.31
N PRO B 236 -13.65 16.87 22.30
CA PRO B 236 -14.91 16.35 22.83
C PRO B 236 -15.96 17.37 23.23
N ASN B 237 -15.53 18.53 23.76
CA ASN B 237 -16.51 19.54 24.11
C ASN B 237 -17.07 20.27 22.88
N GLY B 238 -16.31 20.28 21.77
CA GLY B 238 -16.79 20.87 20.53
C GLY B 238 -16.37 22.34 20.31
N ASN B 239 -15.51 22.88 21.17
CA ASN B 239 -15.00 24.22 21.00
C ASN B 239 -13.63 24.23 20.32
N ALA B 240 -13.17 23.07 19.85
CA ALA B 240 -11.89 22.96 19.17
C ALA B 240 -11.94 21.71 18.29
N PHE B 241 -10.92 21.58 17.46
CA PHE B 241 -10.76 20.42 16.61
C PHE B 241 -9.30 20.25 16.23
N ALA B 242 -8.97 19.06 15.73
CA ALA B 242 -7.61 18.75 15.35
C ALA B 242 -7.54 18.22 13.94
N THR B 243 -6.47 18.53 13.22
CA THR B 243 -6.34 18.12 11.82
C THR B 243 -4.95 17.53 11.60
N GLY B 244 -4.88 16.50 10.74
CA GLY B 244 -3.62 15.87 10.33
C GLY B 244 -3.44 16.00 8.82
N SER B 245 -2.20 16.12 8.35
CA SER B 245 -1.93 16.43 6.96
C SER B 245 -0.74 15.60 6.47
N ASP B 246 -0.27 15.93 5.25
CA ASP B 246 0.92 15.33 4.68
C ASP B 246 2.19 16.01 5.14
N ASP B 247 2.07 17.05 5.96
CA ASP B 247 3.22 17.76 6.53
C ASP B 247 3.91 16.94 7.63
N ALA B 248 3.33 15.80 8.04
CA ALA B 248 3.74 15.05 9.21
C ALA B 248 3.50 15.87 10.49
N THR B 249 2.57 16.84 10.42
CA THR B 249 2.24 17.66 11.59
C THR B 249 0.73 17.61 11.84
N CYS B 250 0.32 17.52 13.12
CA CYS B 250 -1.08 17.73 13.50
C CYS B 250 -1.19 19.13 14.04
N ARG B 251 -2.38 19.70 13.95
CA ARG B 251 -2.59 21.04 14.50
C ARG B 251 -3.96 21.09 15.20
N LEU B 252 -4.02 21.89 16.27
CA LEU B 252 -5.25 22.12 17.00
C LEU B 252 -5.76 23.56 16.79
N PHE B 253 -6.99 23.67 16.35
CA PHE B 253 -7.62 24.94 16.10
C PHE B 253 -8.83 25.08 17.02
N ASP B 254 -8.96 26.23 17.67
CA ASP B 254 -10.15 26.54 18.45
C ASP B 254 -11.05 27.48 17.65
N LEU B 255 -12.34 27.24 17.74
CA LEU B 255 -13.32 27.96 16.95
C LEU B 255 -13.37 29.42 17.40
N ARG B 256 -13.54 29.67 18.70
CA ARG B 256 -13.77 31.02 19.17
C ARG B 256 -12.52 31.87 19.01
N ALA B 257 -11.34 31.31 19.28
CA ALA B 257 -10.09 32.02 19.08
C ALA B 257 -9.77 32.22 17.60
N ASP B 258 -10.28 31.35 16.73
CA ASP B 258 -10.09 31.42 15.29
C ASP B 258 -8.60 31.52 14.98
N GLN B 259 -7.80 30.64 15.57
CA GLN B 259 -6.36 30.68 15.40
C GLN B 259 -5.79 29.33 15.84
N GLU B 260 -4.70 28.93 15.21
CA GLU B 260 -4.00 27.72 15.62
C GLU B 260 -3.48 27.90 17.05
N LEU B 261 -3.64 26.84 17.86
CA LEU B 261 -3.17 26.86 19.25
C LEU B 261 -1.84 26.13 19.39
N MET B 262 -1.80 24.87 18.95
CA MET B 262 -0.61 24.07 19.12
C MET B 262 -0.43 23.14 17.92
N THR B 263 0.83 22.89 17.58
CA THR B 263 1.16 21.92 16.53
C THR B 263 1.93 20.75 17.15
N TYR B 264 1.60 19.54 16.72
CA TYR B 264 2.26 18.35 17.18
C TYR B 264 3.08 17.77 16.05
N SER B 265 4.41 17.85 16.21
CA SER B 265 5.34 17.41 15.17
C SER B 265 6.67 17.07 15.81
N HIS B 266 7.45 16.25 15.10
CA HIS B 266 8.77 15.85 15.56
C HIS B 266 9.71 15.87 14.37
N ASP B 267 11.02 16.06 14.66
CA ASP B 267 12.03 16.07 13.62
C ASP B 267 12.12 14.70 12.96
N ASN B 268 12.01 13.63 13.77
CA ASN B 268 12.14 12.28 13.26
C ASN B 268 11.02 11.96 12.28
N ILE B 269 9.79 12.34 12.61
CA ILE B 269 8.64 11.99 11.78
C ILE B 269 8.62 12.84 10.51
N ILE B 270 8.44 12.17 9.36
CA ILE B 270 8.47 12.83 8.07
C ILE B 270 7.34 12.34 7.18
N CYS B 271 6.46 11.45 7.67
CA CYS B 271 5.38 10.94 6.83
C CYS B 271 4.05 11.52 7.29
N GLY B 272 3.07 11.61 6.39
CA GLY B 272 1.83 12.32 6.68
C GLY B 272 0.92 11.53 7.63
N ILE B 273 -0.05 12.26 8.21
CA ILE B 273 -1.06 11.69 9.06
C ILE B 273 -2.25 11.24 8.22
N THR B 274 -2.83 10.10 8.58
CA THR B 274 -3.93 9.55 7.80
C THR B 274 -5.25 9.63 8.57
N SER B 275 -5.17 9.56 9.90
CA SER B 275 -6.35 9.51 10.74
C SER B 275 -6.04 10.17 12.06
N VAL B 276 -7.04 10.87 12.62
CA VAL B 276 -6.88 11.56 13.91
C VAL B 276 -8.14 11.36 14.74
N SER B 277 -7.97 11.13 16.03
CA SER B 277 -9.07 10.98 16.97
C SER B 277 -8.63 11.38 18.37
N PHE B 278 -9.56 11.89 19.16
CA PHE B 278 -9.26 12.26 20.53
C PHE B 278 -9.74 11.14 21.46
N SER B 279 -9.43 11.34 22.73
CA SER B 279 -9.91 10.45 23.76
C SER B 279 -11.26 10.98 24.27
N LYS B 280 -11.76 10.38 25.36
CA LYS B 280 -13.01 10.82 25.95
C LYS B 280 -12.79 12.17 26.64
N SER B 281 -11.67 12.30 27.35
CA SER B 281 -11.35 13.52 28.11
C SER B 281 -10.78 14.62 27.22
N GLY B 282 -10.25 14.23 26.07
CA GLY B 282 -9.62 15.15 25.14
C GLY B 282 -8.18 15.43 25.51
N ARG B 283 -7.61 14.64 26.42
CA ARG B 283 -6.26 14.88 26.90
C ARG B 283 -5.30 14.14 25.99
N LEU B 284 -5.75 13.02 25.43
CA LEU B 284 -4.87 12.26 24.54
C LEU B 284 -5.37 12.42 23.09
N LEU B 285 -4.47 12.89 22.21
CA LEU B 285 -4.74 12.91 20.78
C LEU B 285 -4.01 11.76 20.09
N LEU B 286 -4.75 10.98 19.33
CA LEU B 286 -4.18 9.79 18.72
C LEU B 286 -4.13 10.01 17.22
N ALA B 287 -2.95 9.81 16.64
CA ALA B 287 -2.76 10.08 15.23
C ALA B 287 -2.12 8.88 14.56
N GLY B 288 -2.72 8.40 13.51
CA GLY B 288 -2.08 7.36 12.74
C GLY B 288 -1.22 7.90 11.60
N TYR B 289 0.01 7.40 11.47
CA TYR B 289 0.94 7.93 10.48
C TYR B 289 1.14 6.97 9.34
N ASP B 290 1.92 7.41 8.34
CA ASP B 290 2.19 6.60 7.16
C ASP B 290 3.35 5.62 7.37
N ASP B 291 4.08 5.76 8.48
CA ASP B 291 5.19 4.88 8.80
C ASP B 291 4.74 3.64 9.57
N PHE B 292 3.46 3.23 9.38
CA PHE B 292 2.93 1.94 9.79
C PHE B 292 2.64 1.88 11.30
N ASN B 293 2.64 3.02 11.99
CA ASN B 293 2.32 2.99 13.40
C ASN B 293 1.72 4.32 13.83
N CYS B 294 0.99 4.27 14.95
CA CYS B 294 0.25 5.41 15.47
C CYS B 294 1.01 6.02 16.64
N ASN B 295 0.83 7.32 16.86
CA ASN B 295 1.45 8.01 17.97
C ASN B 295 0.38 8.69 18.81
N VAL B 296 0.62 8.68 20.12
CA VAL B 296 -0.30 9.20 21.11
C VAL B 296 0.38 10.44 21.69
N TRP B 297 -0.23 11.60 21.45
CA TRP B 297 0.27 12.85 21.95
C TRP B 297 -0.55 13.28 23.16
N ASP B 298 0.12 13.93 24.11
CA ASP B 298 -0.56 14.74 25.08
C ASP B 298 -1.07 16.00 24.37
N ALA B 299 -2.40 16.07 24.18
CA ALA B 299 -2.99 17.17 23.40
C ALA B 299 -2.72 18.52 24.05
N LEU B 300 -2.37 18.56 25.33
CA LEU B 300 -2.15 19.83 26.00
C LEU B 300 -0.67 20.23 25.95
N LYS B 301 0.22 19.30 26.31
CA LYS B 301 1.63 19.62 26.42
C LYS B 301 2.38 19.36 25.11
N ALA B 302 1.69 18.76 24.12
CA ALA B 302 2.26 18.46 22.81
C ALA B 302 3.42 17.46 22.87
N ASP B 303 3.56 16.75 23.99
CA ASP B 303 4.56 15.72 24.08
C ASP B 303 4.07 14.46 23.36
N ARG B 304 5.01 13.55 23.12
CA ARG B 304 4.71 12.24 22.60
C ARG B 304 4.61 11.30 23.80
N ALA B 305 3.38 10.88 24.09
CA ALA B 305 3.06 10.10 25.28
C ALA B 305 3.16 8.60 25.01
N GLY B 306 2.83 8.13 23.82
CA GLY B 306 2.95 6.71 23.56
C GLY B 306 2.97 6.40 22.08
N VAL B 307 3.05 5.11 21.77
CA VAL B 307 3.22 4.65 20.42
C VAL B 307 2.42 3.36 20.31
N LEU B 308 1.56 3.26 19.29
CA LEU B 308 0.83 2.04 19.00
C LEU B 308 1.49 1.34 17.83
N ALA B 309 2.70 0.83 18.08
CA ALA B 309 3.44 0.15 17.03
C ALA B 309 3.01 -1.32 16.94
N GLY B 310 2.02 -1.57 16.09
CA GLY B 310 1.45 -2.90 16.00
C GLY B 310 1.09 -3.35 14.60
N HIS B 311 1.15 -2.43 13.63
CA HIS B 311 0.62 -2.69 12.31
C HIS B 311 1.76 -2.88 11.31
N ASP B 312 1.48 -3.72 10.30
CA ASP B 312 2.48 -4.11 9.32
C ASP B 312 2.49 -3.16 8.13
N ASN B 313 1.38 -2.46 7.88
CA ASN B 313 1.27 -1.58 6.73
C ASN B 313 0.73 -0.22 7.13
N ARG B 314 0.38 0.59 6.11
CA ARG B 314 -0.10 1.95 6.32
C ARG B 314 -1.31 1.96 7.24
N VAL B 315 -1.26 2.80 8.29
CA VAL B 315 -2.37 2.94 9.21
C VAL B 315 -3.36 3.90 8.58
N SER B 316 -4.57 3.38 8.28
CA SER B 316 -5.52 4.10 7.48
C SER B 316 -6.51 4.86 8.36
N CYS B 317 -7.19 4.15 9.26
CA CYS B 317 -8.22 4.73 10.08
C CYS B 317 -7.96 4.49 11.56
N LEU B 318 -8.47 5.37 12.41
CA LEU B 318 -8.29 5.26 13.84
C LEU B 318 -9.51 5.89 14.52
N GLY B 319 -10.02 5.25 15.56
CA GLY B 319 -11.23 5.74 16.21
C GLY B 319 -11.28 5.36 17.68
N VAL B 320 -12.06 6.10 18.45
CA VAL B 320 -12.15 5.94 19.89
C VAL B 320 -13.61 5.86 20.30
N THR B 321 -13.89 4.93 21.22
CA THR B 321 -15.25 4.64 21.63
C THR B 321 -15.83 5.84 22.35
N ASP B 322 -17.16 5.96 22.31
CA ASP B 322 -17.84 6.98 23.09
C ASP B 322 -17.61 6.76 24.57
N ASP B 323 -17.64 5.51 24.99
CA ASP B 323 -17.34 5.17 26.37
C ASP B 323 -15.89 5.55 26.73
N GLY B 324 -15.00 5.53 25.75
CA GLY B 324 -13.61 5.82 25.99
C GLY B 324 -12.80 4.62 26.48
N MET B 325 -13.37 3.43 26.30
CA MET B 325 -12.76 2.22 26.81
C MET B 325 -11.75 1.64 25.82
N ALA B 326 -11.69 2.12 24.58
CA ALA B 326 -10.99 1.37 23.53
C ALA B 326 -10.49 2.33 22.46
N VAL B 327 -9.60 1.84 21.62
CA VAL B 327 -9.18 2.53 20.42
C VAL B 327 -9.11 1.48 19.32
N ALA B 328 -9.85 1.68 18.23
CA ALA B 328 -9.71 0.81 17.08
C ALA B 328 -8.76 1.45 16.10
N THR B 329 -7.87 0.64 15.52
CA THR B 329 -6.98 1.08 14.45
C THR B 329 -7.09 0.10 13.31
N GLY B 330 -7.45 0.60 12.14
CA GLY B 330 -7.43 -0.18 10.92
C GLY B 330 -6.31 0.30 10.00
N SER B 331 -5.66 -0.67 9.34
CA SER B 331 -4.50 -0.34 8.54
C SER B 331 -4.62 -0.98 7.17
N TRP B 332 -3.59 -0.81 6.36
CA TRP B 332 -3.55 -1.28 4.99
C TRP B 332 -3.09 -2.73 4.89
N ASP B 333 -2.80 -3.38 6.04
CA ASP B 333 -2.50 -4.80 6.08
C ASP B 333 -3.73 -5.63 6.41
N SER B 334 -4.92 -5.03 6.37
CA SER B 334 -6.20 -5.73 6.47
C SER B 334 -6.51 -6.22 7.87
N PHE B 335 -5.94 -5.58 8.90
CA PHE B 335 -6.14 -6.05 10.27
C PHE B 335 -6.60 -4.89 11.14
N LEU B 336 -7.76 -5.09 11.78
CA LEU B 336 -8.23 -4.18 12.81
C LEU B 336 -7.65 -4.59 14.15
N LYS B 337 -7.20 -3.60 14.93
CA LYS B 337 -6.68 -3.86 16.25
C LYS B 337 -7.33 -2.97 17.29
N ILE B 338 -7.65 -3.55 18.46
CA ILE B 338 -8.25 -2.81 19.54
C ILE B 338 -7.25 -2.62 20.66
N TRP B 339 -7.08 -1.38 21.11
CA TRP B 339 -6.08 -1.04 22.09
C TRP B 339 -6.73 -0.46 23.34
N ASN B 340 -6.08 -0.65 24.49
CA ASN B 340 -6.63 -0.23 25.78
C ASN B 340 -5.52 0.16 26.75
N SER C 8 -13.93 35.16 -14.49
CA SER C 8 -13.88 34.72 -13.07
C SER C 8 -14.18 35.90 -12.13
N ILE C 9 -14.82 36.94 -12.66
CA ILE C 9 -15.12 38.13 -11.88
C ILE C 9 -16.16 37.77 -10.81
N ALA C 10 -17.15 36.96 -11.18
CA ALA C 10 -18.19 36.55 -10.23
C ALA C 10 -17.59 35.73 -9.09
N GLN C 11 -16.67 34.82 -9.43
CA GLN C 11 -16.03 33.97 -8.43
C GLN C 11 -15.24 34.83 -7.44
N ALA C 12 -14.45 35.76 -7.96
CA ALA C 12 -13.65 36.63 -7.10
C ALA C 12 -14.56 37.51 -6.23
N ARG C 13 -15.65 38.01 -6.82
CA ARG C 13 -16.59 38.86 -6.08
C ARG C 13 -17.21 38.09 -4.92
N LYS C 14 -17.68 36.87 -5.19
CA LYS C 14 -18.31 36.08 -4.14
C LYS C 14 -17.29 35.67 -3.08
N LEU C 15 -16.05 35.38 -3.50
CA LEU C 15 -15.00 35.02 -2.55
C LEU C 15 -14.72 36.19 -1.61
N VAL C 16 -14.60 37.39 -2.17
CA VAL C 16 -14.30 38.57 -1.35
C VAL C 16 -15.48 38.87 -0.42
N GLU C 17 -16.71 38.72 -0.92
CA GLU C 17 -17.88 38.99 -0.11
C GLU C 17 -17.95 38.01 1.07
N GLN C 18 -17.70 36.72 0.80
CA GLN C 18 -17.72 35.71 1.85
C GLN C 18 -16.61 35.94 2.86
N LEU C 19 -15.41 36.30 2.40
CA LEU C 19 -14.28 36.52 3.29
C LEU C 19 -14.54 37.74 4.17
N LYS C 20 -15.18 38.79 3.61
CA LYS C 20 -15.55 39.96 4.39
C LYS C 20 -16.62 39.59 5.42
N MET C 21 -17.55 38.71 5.04
CA MET C 21 -18.61 38.29 5.96
C MET C 21 -18.04 37.53 7.16
N GLU C 22 -16.83 36.99 7.03
CA GLU C 22 -16.22 36.22 8.10
C GLU C 22 -15.35 37.09 9.03
N ALA C 23 -15.27 38.40 8.75
CA ALA C 23 -14.46 39.30 9.56
C ALA C 23 -15.23 39.82 10.78
N ASN C 24 -16.56 39.81 10.73
CA ASN C 24 -17.39 40.36 11.80
C ASN C 24 -17.77 39.29 12.82
N ILE C 25 -16.78 38.53 13.29
CA ILE C 25 -16.99 37.47 14.26
C ILE C 25 -16.42 37.92 15.61
N ASP C 26 -17.16 37.64 16.68
CA ASP C 26 -16.72 37.95 18.03
C ASP C 26 -15.63 36.98 18.45
N ARG C 27 -14.39 37.48 18.52
CA ARG C 27 -13.25 36.65 18.89
C ARG C 27 -12.93 36.84 20.36
N ILE C 28 -12.46 35.75 20.99
CA ILE C 28 -11.99 35.79 22.37
C ILE C 28 -10.48 35.66 22.38
N LYS C 29 -9.86 35.98 23.52
CA LYS C 29 -8.43 35.83 23.67
C LYS C 29 -8.05 34.36 23.59
N VAL C 30 -6.85 34.10 23.08
CA VAL C 30 -6.36 32.74 22.96
C VAL C 30 -6.15 32.13 24.35
N SER C 31 -5.74 32.96 25.32
CA SER C 31 -5.53 32.48 26.67
C SER C 31 -6.82 31.93 27.27
N LYS C 32 -7.95 32.58 26.99
CA LYS C 32 -9.23 32.10 27.48
C LYS C 32 -9.54 30.72 26.92
N ALA C 33 -9.29 30.52 25.61
CA ALA C 33 -9.54 29.24 24.97
C ALA C 33 -8.64 28.15 25.55
N ALA C 34 -7.37 28.48 25.77
CA ALA C 34 -6.43 27.53 26.35
C ALA C 34 -6.87 27.12 27.76
N ALA C 35 -7.29 28.13 28.56
CA ALA C 35 -7.72 27.87 29.91
C ALA C 35 -8.96 26.98 29.90
N ASP C 36 -9.89 27.24 28.99
CA ASP C 36 -11.11 26.46 28.91
C ASP C 36 -10.80 25.01 28.57
N LEU C 37 -9.90 24.79 27.60
CA LEU C 37 -9.58 23.43 27.21
C LEU C 37 -8.90 22.68 28.35
N MET C 38 -7.98 23.35 29.04
CA MET C 38 -7.28 22.73 30.14
C MET C 38 -8.27 22.39 31.25
N ALA C 39 -9.22 23.31 31.52
CA ALA C 39 -10.19 23.09 32.58
C ALA C 39 -11.06 21.88 32.25
N TYR C 40 -11.50 21.76 30.99
CA TYR C 40 -12.32 20.63 30.59
C TYR C 40 -11.55 19.33 30.75
N CYS C 41 -10.29 19.32 30.31
CA CYS C 41 -9.51 18.11 30.41
C CYS C 41 -9.34 17.70 31.87
N GLU C 42 -9.03 18.67 32.74
CA GLU C 42 -8.82 18.39 34.14
C GLU C 42 -10.12 17.86 34.76
N ALA C 43 -11.25 18.47 34.39
CA ALA C 43 -12.53 18.09 34.98
C ALA C 43 -12.96 16.69 34.59
N HIS C 44 -12.74 16.31 33.33
CA HIS C 44 -13.21 15.03 32.83
C HIS C 44 -12.11 13.95 32.81
N ALA C 45 -10.92 14.24 33.37
CA ALA C 45 -9.84 13.26 33.32
C ALA C 45 -10.19 12.04 34.15
N LYS C 46 -10.98 12.23 35.21
CA LYS C 46 -11.23 11.15 36.17
C LYS C 46 -12.04 10.01 35.53
N GLU C 47 -12.64 10.26 34.35
CA GLU C 47 -13.48 9.24 33.72
C GLU C 47 -12.96 8.91 32.31
N ASP C 48 -11.65 8.96 32.09
CA ASP C 48 -11.06 8.61 30.80
C ASP C 48 -10.30 7.29 30.92
N PRO C 49 -10.91 6.15 30.47
CA PRO C 49 -10.29 4.84 30.60
C PRO C 49 -8.91 4.69 29.96
N LEU C 50 -8.58 5.54 28.99
CA LEU C 50 -7.26 5.49 28.37
C LEU C 50 -6.29 6.28 29.22
N LEU C 51 -6.70 7.44 29.76
CA LEU C 51 -5.80 8.26 30.53
C LEU C 51 -5.45 7.56 31.85
N THR C 52 -6.49 7.10 32.58
CA THR C 52 -6.29 6.42 33.84
C THR C 52 -6.30 4.93 33.59
N PRO C 53 -5.20 4.19 33.85
CA PRO C 53 -5.15 2.76 33.57
C PRO C 53 -6.30 2.02 34.24
N VAL C 54 -7.20 1.48 33.40
CA VAL C 54 -8.39 0.80 33.88
C VAL C 54 -7.97 -0.48 34.59
N PRO C 55 -8.57 -0.79 35.77
CA PRO C 55 -8.28 -2.06 36.42
C PRO C 55 -8.88 -3.22 35.62
N ALA C 56 -8.20 -4.36 35.67
CA ALA C 56 -8.59 -5.51 34.86
C ALA C 56 -9.91 -6.12 35.34
N SER C 57 -10.40 -5.72 36.52
CA SER C 57 -11.62 -6.28 37.06
C SER C 57 -12.82 -5.90 36.19
N GLU C 58 -12.97 -4.60 35.91
CA GLU C 58 -14.14 -4.10 35.18
C GLU C 58 -13.77 -3.63 33.76
N ASN C 59 -12.50 -3.77 33.38
CA ASN C 59 -12.11 -3.59 31.99
C ASN C 59 -12.71 -4.72 31.18
N PRO C 60 -13.56 -4.47 30.16
CA PRO C 60 -14.22 -5.56 29.46
C PRO C 60 -13.35 -6.15 28.34
N PHE C 61 -12.13 -5.64 28.16
CA PHE C 61 -11.11 -6.34 27.39
C PHE C 61 -10.12 -6.96 28.36
N ARG C 62 -10.59 -7.92 29.16
CA ARG C 62 -9.74 -8.56 30.17
C ARG C 62 -8.60 -9.36 29.52
N GLN D 23 -0.74 31.15 5.16
CA GLN D 23 -1.04 29.95 4.33
C GLN D 23 -0.03 29.85 3.18
N VAL D 24 -0.21 28.83 2.34
CA VAL D 24 0.68 28.61 1.22
C VAL D 24 0.42 29.71 0.21
N GLN D 25 1.44 30.54 -0.03
CA GLN D 25 1.28 31.69 -0.90
C GLN D 25 2.49 31.75 -1.83
N LEU D 26 2.23 31.65 -3.14
CA LEU D 26 3.26 31.81 -4.17
C LEU D 26 2.98 33.05 -4.98
N GLN D 27 3.96 33.97 -5.04
CA GLN D 27 3.80 35.24 -5.71
C GLN D 27 4.83 35.35 -6.82
N GLU D 28 4.36 35.48 -8.06
CA GLU D 28 5.26 35.60 -9.20
C GLU D 28 5.55 37.06 -9.49
N SER D 29 6.71 37.30 -10.10
CA SER D 29 7.12 38.64 -10.45
C SER D 29 8.02 38.58 -11.67
N GLY D 30 8.12 39.71 -12.37
CA GLY D 30 8.91 39.76 -13.59
C GLY D 30 8.04 39.58 -14.82
N GLY D 31 8.67 39.67 -15.98
CA GLY D 31 7.91 39.54 -17.20
C GLY D 31 7.42 40.90 -17.71
N GLY D 32 6.89 40.84 -18.93
CA GLY D 32 6.37 42.01 -19.60
C GLY D 32 6.51 41.85 -21.11
N LEU D 33 6.60 42.99 -21.80
CA LEU D 33 6.72 43.01 -23.24
C LEU D 33 8.18 43.13 -23.62
N VAL D 34 8.71 42.09 -24.27
CA VAL D 34 10.09 42.08 -24.73
C VAL D 34 10.12 41.65 -26.19
N GLN D 35 11.01 42.27 -26.97
CA GLN D 35 11.15 41.94 -28.37
C GLN D 35 11.75 40.54 -28.52
N PRO D 36 11.46 39.82 -29.61
CA PRO D 36 12.00 38.49 -29.80
C PRO D 36 13.52 38.50 -29.80
N GLY D 37 14.11 37.48 -29.17
CA GLY D 37 15.55 37.41 -29.01
C GLY D 37 16.05 38.17 -27.79
N GLY D 38 15.14 38.64 -26.94
CA GLY D 38 15.51 39.38 -25.74
C GLY D 38 15.79 38.46 -24.56
N SER D 39 15.61 38.99 -23.35
CA SER D 39 15.86 38.23 -22.15
C SER D 39 14.88 38.68 -21.07
N LEU D 40 14.50 37.74 -20.20
CA LEU D 40 13.63 38.01 -19.08
C LEU D 40 14.09 37.22 -17.85
N ARG D 41 13.61 37.65 -16.69
CA ARG D 41 13.93 36.96 -15.45
C ARG D 41 12.65 36.85 -14.63
N LEU D 42 12.16 35.61 -14.47
CA LEU D 42 10.94 35.38 -13.72
C LEU D 42 11.23 34.93 -12.30
N SER D 43 10.64 35.59 -11.30
CA SER D 43 10.92 35.29 -9.91
C SER D 43 9.65 34.80 -9.23
N CYS D 44 9.84 33.98 -8.19
CA CYS D 44 8.73 33.43 -7.41
C CYS D 44 9.09 33.53 -5.95
N ALA D 45 8.35 34.33 -5.19
CA ALA D 45 8.51 34.41 -3.75
C ALA D 45 7.52 33.46 -3.08
N ALA D 46 8.03 32.62 -2.17
CA ALA D 46 7.23 31.61 -1.51
C ALA D 46 7.08 31.98 -0.03
N SER D 47 5.87 31.73 0.49
CA SER D 47 5.61 31.94 1.89
C SER D 47 4.62 30.91 2.38
N GLY D 48 4.67 30.62 3.68
CA GLY D 48 3.67 29.77 4.30
C GLY D 48 4.01 28.29 4.25
N PHE D 49 5.23 27.96 3.83
CA PHE D 49 5.68 26.58 3.86
C PHE D 49 7.20 26.54 3.85
N THR D 50 7.74 25.38 4.16
CA THR D 50 9.17 25.19 4.15
C THR D 50 9.64 25.03 2.71
N PHE D 51 10.09 26.15 2.12
CA PHE D 51 10.43 26.18 0.70
C PHE D 51 11.48 25.13 0.37
N SER D 52 12.36 24.81 1.33
CA SER D 52 13.52 23.97 1.10
C SER D 52 13.15 22.51 0.84
N ASN D 53 11.91 22.15 1.01
CA ASN D 53 11.56 20.73 1.14
C ASN D 53 10.67 20.26 0.00
N TYR D 54 10.35 21.15 -0.96
CA TYR D 54 9.45 20.78 -2.04
C TYR D 54 10.12 21.04 -3.37
N LYS D 55 9.94 20.10 -4.30
CA LYS D 55 10.37 20.32 -5.66
C LYS D 55 9.49 21.39 -6.29
N MET D 56 10.11 22.37 -6.96
CA MET D 56 9.34 23.49 -7.47
C MET D 56 9.33 23.47 -9.00
N ASN D 57 8.20 23.87 -9.56
CA ASN D 57 7.97 23.79 -10.99
C ASN D 57 7.62 25.15 -11.57
N TRP D 58 7.86 25.32 -12.88
CA TRP D 58 7.30 26.41 -13.65
C TRP D 58 6.40 25.82 -14.73
N VAL D 59 5.21 26.40 -14.89
CA VAL D 59 4.29 25.98 -15.94
C VAL D 59 3.80 27.23 -16.68
N ARG D 60 3.25 27.07 -17.87
CA ARG D 60 2.76 28.22 -18.61
C ARG D 60 1.39 27.88 -19.18
N GLN D 61 0.60 28.95 -19.35
CA GLN D 61 -0.72 28.88 -19.95
C GLN D 61 -0.66 29.74 -21.19
N ALA D 62 -0.62 29.10 -22.36
CA ALA D 62 -0.61 29.85 -23.59
C ALA D 62 -2.02 30.40 -23.82
N PRO D 63 -2.15 31.54 -24.53
CA PRO D 63 -3.46 32.04 -24.90
C PRO D 63 -4.24 31.03 -25.73
N GLY D 64 -5.34 30.54 -25.15
CA GLY D 64 -6.24 29.61 -25.82
C GLY D 64 -5.71 28.17 -25.83
N LYS D 65 -4.77 27.85 -24.94
CA LYS D 65 -4.23 26.51 -24.83
C LYS D 65 -4.38 26.03 -23.39
N GLY D 66 -4.04 24.74 -23.17
CA GLY D 66 -4.05 24.17 -21.83
C GLY D 66 -2.74 24.43 -21.09
N LEU D 67 -2.73 24.13 -19.79
CA LEU D 67 -1.55 24.31 -18.95
C LEU D 67 -0.45 23.37 -19.43
N GLU D 68 0.74 23.92 -19.53
CA GLU D 68 1.89 23.21 -20.07
C GLU D 68 3.02 23.32 -19.03
N TRP D 69 3.56 22.17 -18.64
CA TRP D 69 4.72 22.15 -17.77
C TRP D 69 5.97 22.62 -18.50
N VAL D 70 6.75 23.46 -17.85
CA VAL D 70 7.91 24.08 -18.49
C VAL D 70 9.20 23.56 -17.87
N SER D 71 9.29 23.54 -16.55
CA SER D 71 10.51 23.07 -15.94
C SER D 71 10.24 22.66 -14.50
N ASP D 72 11.19 21.93 -13.89
CA ASP D 72 11.17 21.68 -12.46
C ASP D 72 12.58 21.58 -11.90
N ILE D 73 12.72 21.85 -10.62
CA ILE D 73 13.98 21.73 -9.93
C ILE D 73 13.71 21.09 -8.58
N SER D 74 14.58 20.15 -8.22
CA SER D 74 14.43 19.35 -7.03
C SER D 74 14.73 20.18 -5.77
N GLN D 75 14.80 19.51 -4.62
CA GLN D 75 14.83 20.19 -3.35
C GLN D 75 16.11 21.02 -3.25
N SER D 76 17.26 20.36 -3.48
CA SER D 76 18.56 21.00 -3.38
C SER D 76 19.05 21.55 -4.72
N GLY D 77 18.25 21.38 -5.79
CA GLY D 77 18.61 21.84 -7.11
C GLY D 77 19.55 20.87 -7.84
N ALA D 78 19.75 19.67 -7.30
CA ALA D 78 20.71 18.75 -7.88
C ALA D 78 20.23 18.30 -9.26
N SER D 79 18.94 17.95 -9.37
CA SER D 79 18.35 17.50 -10.61
C SER D 79 17.38 18.55 -11.12
N ILE D 80 17.67 19.16 -12.29
CA ILE D 80 16.82 20.14 -12.92
C ILE D 80 16.35 19.55 -14.23
N SER D 81 15.09 19.78 -14.59
CA SER D 81 14.55 19.25 -15.83
C SER D 81 13.78 20.34 -16.56
N TYR D 82 13.83 20.30 -17.91
CA TYR D 82 13.08 21.22 -18.74
C TYR D 82 12.29 20.47 -19.79
N THR D 83 11.20 21.11 -20.25
CA THR D 83 10.42 20.57 -21.34
C THR D 83 11.22 20.73 -22.62
N GLY D 84 11.03 19.81 -23.57
CA GLY D 84 11.98 19.72 -24.67
C GLY D 84 12.03 21.01 -25.48
N SER D 85 10.87 21.66 -25.64
CA SER D 85 10.73 22.84 -26.47
C SER D 85 11.69 23.95 -26.04
N VAL D 86 11.81 24.18 -24.74
CA VAL D 86 12.51 25.34 -24.23
C VAL D 86 13.90 24.95 -23.80
N LYS D 87 14.30 23.71 -24.02
CA LYS D 87 15.60 23.25 -23.53
C LYS D 87 16.69 24.02 -24.24
N GLY D 88 17.68 24.46 -23.46
CA GLY D 88 18.85 25.08 -24.01
C GLY D 88 18.82 26.61 -23.90
N ARG D 89 17.64 27.20 -23.65
CA ARG D 89 17.57 28.65 -23.53
C ARG D 89 16.94 29.14 -22.22
N PHE D 90 16.30 28.27 -21.44
CA PHE D 90 15.82 28.65 -20.12
C PHE D 90 16.68 28.02 -19.04
N THR D 91 16.84 28.75 -17.93
CA THR D 91 17.64 28.27 -16.82
C THR D 91 16.82 28.42 -15.52
N ILE D 92 16.57 27.29 -14.86
CA ILE D 92 15.85 27.27 -13.61
C ILE D 92 16.83 27.23 -12.47
N SER D 93 16.48 27.87 -11.38
CA SER D 93 17.31 27.84 -10.18
C SER D 93 16.44 28.17 -8.98
N ARG D 94 17.00 27.91 -7.79
CA ARG D 94 16.30 28.24 -6.56
C ARG D 94 17.31 28.66 -5.52
N ASP D 95 16.92 29.63 -4.71
CA ASP D 95 17.73 30.06 -3.58
C ASP D 95 16.91 29.86 -2.32
N ASN D 96 17.30 28.88 -1.50
CA ASN D 96 16.55 28.56 -0.30
C ASN D 96 16.84 29.54 0.83
N ALA D 97 17.92 30.33 0.74
CA ALA D 97 18.23 31.29 1.79
C ALA D 97 17.12 32.34 1.88
N LYS D 98 16.73 32.90 0.73
CA LYS D 98 15.67 33.90 0.68
C LYS D 98 14.36 33.31 0.18
N ASN D 99 14.31 31.98 0.03
CA ASN D 99 13.08 31.26 -0.29
C ASN D 99 12.49 31.78 -1.60
N THR D 100 13.25 31.63 -2.68
CA THR D 100 12.85 32.20 -3.96
C THR D 100 13.18 31.22 -5.07
N LEU D 101 12.37 31.25 -6.13
CA LEU D 101 12.58 30.42 -7.31
C LEU D 101 12.80 31.34 -8.52
N TYR D 102 13.76 31.00 -9.39
CA TYR D 102 14.09 31.86 -10.53
C TYR D 102 14.03 31.09 -11.84
N LEU D 103 13.57 31.74 -12.91
CA LEU D 103 13.66 31.22 -14.28
C LEU D 103 14.21 32.28 -15.22
N GLN D 104 15.41 32.03 -15.76
CA GLN D 104 16.10 32.93 -16.67
C GLN D 104 15.66 32.56 -18.06
N MET D 105 15.20 33.57 -18.81
CA MET D 105 14.60 33.38 -20.12
C MET D 105 15.52 34.06 -21.14
N ASN D 106 16.00 33.28 -22.11
CA ASN D 106 16.92 33.80 -23.12
C ASN D 106 16.41 33.43 -24.51
N SER D 107 16.61 34.36 -25.46
CA SER D 107 16.26 34.14 -26.85
C SER D 107 14.76 33.81 -26.98
N LEU D 108 13.91 34.77 -26.60
CA LEU D 108 12.48 34.57 -26.68
C LEU D 108 12.06 34.52 -28.14
N LYS D 109 11.00 33.73 -28.38
CA LYS D 109 10.35 33.64 -29.68
C LYS D 109 8.85 33.73 -29.48
N PRO D 110 8.04 34.02 -30.51
CA PRO D 110 6.67 34.47 -30.30
C PRO D 110 5.72 33.31 -30.11
N GLU D 111 6.24 32.08 -29.92
CA GLU D 111 5.42 30.99 -29.39
C GLU D 111 5.64 30.81 -27.89
N ASP D 112 6.39 31.71 -27.26
CA ASP D 112 6.66 31.63 -25.83
C ASP D 112 5.74 32.54 -25.04
N THR D 113 4.87 33.32 -25.69
CA THR D 113 3.99 34.22 -24.97
C THR D 113 2.99 33.37 -24.19
N ALA D 114 2.81 33.66 -22.89
CA ALA D 114 1.97 32.88 -22.02
C ALA D 114 1.89 33.54 -20.66
N VAL D 115 0.97 33.03 -19.84
CA VAL D 115 0.93 33.37 -18.44
C VAL D 115 1.71 32.31 -17.69
N TYR D 116 2.78 32.74 -17.00
CA TYR D 116 3.67 31.81 -16.33
C TYR D 116 3.28 31.65 -14.87
N TYR D 117 3.09 30.40 -14.45
CA TYR D 117 2.70 30.08 -13.08
C TYR D 117 3.80 29.32 -12.37
N CYS D 118 4.16 29.81 -11.19
CA CYS D 118 5.02 29.08 -10.29
C CYS D 118 4.18 28.02 -9.59
N ALA D 119 4.70 26.82 -9.46
CA ALA D 119 3.97 25.76 -8.79
C ALA D 119 4.84 25.02 -7.77
N ARG D 120 4.20 24.54 -6.71
CA ARG D 120 4.87 23.78 -5.68
C ARG D 120 4.37 22.36 -5.79
N CYS D 121 5.23 21.42 -5.58
CA CYS D 121 4.89 20.01 -5.62
C CYS D 121 3.97 19.64 -4.47
N PRO D 122 2.93 18.80 -4.69
CA PRO D 122 1.93 18.52 -3.66
C PRO D 122 2.44 18.23 -2.24
N ALA D 123 3.44 17.36 -2.09
CA ALA D 123 3.84 16.97 -0.73
C ALA D 123 5.35 17.01 -0.58
N PRO D 124 5.91 17.13 0.65
CA PRO D 124 7.35 17.20 0.83
C PRO D 124 7.96 15.81 0.82
N PHE D 125 9.29 15.79 0.64
CA PHE D 125 10.07 14.56 0.69
C PHE D 125 9.63 13.59 -0.40
N THR D 126 9.16 14.11 -1.53
CA THR D 126 8.76 13.29 -2.65
C THR D 126 9.43 13.79 -3.92
N ARG D 127 9.66 12.85 -4.84
CA ARG D 127 10.25 13.17 -6.13
C ARG D 127 9.24 12.96 -7.26
N ASP D 128 7.99 12.69 -6.91
CA ASP D 128 6.88 12.77 -7.87
C ASP D 128 6.09 14.04 -7.56
N CYS D 129 5.44 14.60 -8.59
CA CYS D 129 4.64 15.80 -8.42
C CYS D 129 3.41 15.68 -9.30
N PHE D 130 2.27 15.35 -8.67
CA PHE D 130 1.03 15.14 -9.44
C PHE D 130 0.17 16.40 -9.47
N ASP D 131 -0.75 16.50 -10.43
CA ASP D 131 -1.73 17.61 -10.44
C ASP D 131 -1.11 19.00 -10.57
N VAL D 132 0.17 19.13 -10.94
CA VAL D 132 0.72 20.47 -10.97
C VAL D 132 0.13 21.29 -12.11
N THR D 133 -0.22 20.61 -13.22
CA THR D 133 -0.82 21.28 -14.37
C THR D 133 -2.35 21.25 -14.34
N SER D 134 -2.93 20.90 -13.19
CA SER D 134 -4.37 20.81 -13.08
C SER D 134 -4.99 22.19 -13.22
N THR D 135 -6.24 22.23 -13.66
CA THR D 135 -6.87 23.49 -14.02
C THR D 135 -7.18 24.33 -12.79
N THR D 136 -7.32 23.69 -11.63
CA THR D 136 -7.65 24.43 -10.40
C THR D 136 -6.75 23.99 -9.26
N TYR D 137 -5.47 23.82 -9.60
CA TYR D 137 -4.48 23.39 -8.59
C TYR D 137 -4.53 24.39 -7.45
N ALA D 138 -4.11 23.95 -6.28
CA ALA D 138 -4.28 24.74 -5.08
C ALA D 138 -2.95 25.34 -4.62
N TYR D 139 -1.86 24.97 -5.29
CA TYR D 139 -0.52 25.44 -4.83
C TYR D 139 0.23 26.16 -5.95
N ARG D 140 -0.48 26.95 -6.76
CA ARG D 140 0.15 27.75 -7.79
C ARG D 140 -0.18 29.21 -7.52
N GLY D 141 0.72 30.08 -7.91
CA GLY D 141 0.46 31.51 -7.82
C GLY D 141 -0.46 32.01 -8.92
N GLN D 142 -0.63 33.33 -8.95
CA GLN D 142 -1.48 33.97 -9.93
C GLN D 142 -0.81 34.00 -11.29
N GLY D 143 0.53 33.98 -11.33
CA GLY D 143 1.27 33.98 -12.59
C GLY D 143 1.47 35.37 -13.15
N THR D 144 2.41 35.46 -14.09
CA THR D 144 2.74 36.72 -14.74
C THR D 144 2.58 36.58 -16.25
N GLN D 145 2.14 37.66 -16.89
CA GLN D 145 2.02 37.68 -18.34
C GLN D 145 3.38 37.95 -18.96
N VAL D 146 3.86 37.03 -19.81
CA VAL D 146 5.05 37.25 -20.59
C VAL D 146 4.65 37.22 -22.06
N THR D 147 4.71 38.39 -22.69
CA THR D 147 4.35 38.52 -24.09
C THR D 147 5.51 39.10 -24.89
N VAL D 148 5.60 38.70 -26.16
CA VAL D 148 6.69 39.12 -27.04
C VAL D 148 6.15 39.55 -28.41
N ILE E 50 34.52 -38.09 22.13
CA ILE E 50 34.88 -36.68 21.80
C ILE E 50 34.03 -36.21 20.62
N LEU E 51 33.67 -37.14 19.74
CA LEU E 51 32.91 -36.83 18.55
C LEU E 51 31.46 -36.44 18.88
N TYR E 52 31.04 -36.61 20.14
CA TYR E 52 29.69 -36.26 20.58
C TYR E 52 29.43 -34.76 20.47
N ALA E 53 30.49 -33.96 20.32
CA ALA E 53 30.36 -32.51 20.25
C ALA E 53 29.54 -32.09 19.02
N VAL E 54 29.94 -32.58 17.85
CA VAL E 54 29.30 -32.19 16.60
C VAL E 54 27.88 -32.75 16.54
N PHE E 55 27.69 -33.98 17.01
CA PHE E 55 26.36 -34.58 17.04
C PHE E 55 25.44 -33.79 17.98
N GLY E 56 25.97 -33.35 19.13
CA GLY E 56 25.20 -32.53 20.04
C GLY E 56 24.84 -31.17 19.44
N PHE E 57 25.79 -30.56 18.73
CA PHE E 57 25.54 -29.29 18.07
C PHE E 57 24.42 -29.44 17.03
N GLY E 58 24.49 -30.54 16.25
CA GLY E 58 23.46 -30.86 15.27
C GLY E 58 22.09 -31.07 15.92
N ALA E 59 22.07 -31.77 17.06
CA ALA E 59 20.83 -32.02 17.78
C ALA E 59 20.24 -30.70 18.26
N VAL E 60 21.09 -29.85 18.82
CA VAL E 60 20.62 -28.53 19.33
C VAL E 60 19.91 -27.81 18.18
N LEU E 61 20.50 -27.74 16.99
CA LEU E 61 19.82 -26.97 15.93
C LEU E 61 18.51 -27.68 15.59
N ALA E 62 18.54 -29.00 15.46
CA ALA E 62 17.32 -29.77 15.14
C ALA E 62 16.26 -29.44 16.19
N VAL E 63 16.67 -28.95 17.36
CA VAL E 63 15.65 -28.72 18.37
C VAL E 63 15.53 -27.23 18.68
N CYS E 64 16.67 -26.54 18.85
CA CYS E 64 16.67 -25.12 19.17
C CYS E 64 16.63 -24.31 17.88
N GLY E 65 15.45 -23.79 17.53
CA GLY E 65 15.27 -23.06 16.29
C GLY E 65 14.07 -23.57 15.50
N ASN E 66 13.72 -24.85 15.71
CA ASN E 66 12.58 -25.43 15.02
C ASN E 66 11.27 -24.97 15.68
N LEU E 67 11.31 -24.66 16.98
CA LEU E 67 10.13 -24.22 17.70
C LEU E 67 9.61 -22.91 17.10
N LEU E 68 10.51 -21.96 16.86
CA LEU E 68 10.12 -20.65 16.34
C LEU E 68 9.75 -20.74 14.85
N VAL E 69 9.70 -21.95 14.30
CA VAL E 69 9.16 -22.18 12.97
C VAL E 69 7.74 -22.76 13.07
N MET E 70 7.57 -23.82 13.88
CA MET E 70 6.26 -24.39 14.12
C MET E 70 5.31 -23.31 14.65
N THR E 71 5.68 -22.67 15.75
CA THR E 71 4.81 -21.73 16.43
C THR E 71 4.60 -20.50 15.55
N SER E 72 5.62 -20.14 14.77
CA SER E 72 5.51 -19.01 13.85
C SER E 72 4.43 -19.29 12.80
N ILE E 73 4.49 -20.45 12.16
CA ILE E 73 3.57 -20.76 11.08
C ILE E 73 2.15 -20.96 11.65
N LEU E 74 2.03 -21.61 12.80
CA LEU E 74 0.72 -21.91 13.35
C LEU E 74 0.08 -20.66 13.97
N HIS E 75 0.90 -19.72 14.46
CA HIS E 75 0.39 -18.59 15.22
C HIS E 75 0.23 -17.34 14.35
N PHE E 76 1.29 -16.99 13.62
CA PHE E 76 1.28 -15.80 12.78
C PHE E 76 0.31 -16.01 11.62
N ARG E 77 -0.81 -15.26 11.65
CA ARG E 77 -1.92 -15.48 10.73
C ARG E 77 -1.62 -15.01 9.31
N GLN E 78 -0.55 -14.23 9.11
CA GLN E 78 -0.19 -13.78 7.77
C GLN E 78 0.66 -14.81 7.02
N LEU E 79 0.92 -15.97 7.64
CA LEU E 79 1.68 -17.04 6.98
C LEU E 79 0.85 -18.29 6.78
N HIS E 80 -0.49 -18.21 6.93
CA HIS E 80 -1.35 -19.37 6.73
C HIS E 80 -1.66 -19.56 5.25
N SER E 81 -0.57 -19.78 4.47
CA SER E 81 -0.63 -20.01 3.04
C SER E 81 -0.51 -21.50 2.76
N PRO E 82 -1.06 -22.00 1.64
CA PRO E 82 -0.90 -23.41 1.29
C PRO E 82 0.55 -23.87 1.18
N ALA E 83 1.44 -22.97 0.76
CA ALA E 83 2.85 -23.31 0.61
C ALA E 83 3.48 -23.55 1.98
N ASN E 84 3.16 -22.71 2.97
CA ASN E 84 3.83 -22.80 4.25
C ASN E 84 3.32 -23.97 5.11
N PHE E 85 2.18 -24.56 4.74
CA PHE E 85 1.71 -25.76 5.42
C PHE E 85 2.71 -26.90 5.24
N LEU E 86 3.22 -27.06 4.00
CA LEU E 86 4.22 -28.07 3.71
C LEU E 86 5.50 -27.82 4.51
N VAL E 87 5.89 -26.56 4.62
CA VAL E 87 7.10 -26.21 5.35
C VAL E 87 6.91 -26.55 6.83
N ALA E 88 5.72 -26.27 7.38
CA ALA E 88 5.47 -26.57 8.79
C ALA E 88 5.49 -28.08 9.01
N SER E 89 4.90 -28.84 8.09
CA SER E 89 4.90 -30.29 8.20
C SER E 89 6.32 -30.84 8.18
N LEU E 90 7.16 -30.31 7.28
CA LEU E 90 8.55 -30.73 7.23
C LEU E 90 9.26 -30.36 8.52
N ALA E 91 8.96 -29.19 9.07
CA ALA E 91 9.60 -28.74 10.30
C ALA E 91 9.25 -29.68 11.46
N CYS E 92 7.98 -30.09 11.55
CA CYS E 92 7.57 -30.95 12.64
C CYS E 92 8.15 -32.36 12.47
N ALA E 93 8.25 -32.85 11.23
CA ALA E 93 8.93 -34.12 10.98
C ALA E 93 10.39 -34.05 11.41
N ASP E 94 11.07 -32.95 11.06
CA ASP E 94 12.48 -32.77 11.39
C ASP E 94 12.69 -32.69 12.90
N PHE E 95 11.79 -31.99 13.61
CA PHE E 95 11.84 -31.94 15.06
C PHE E 95 11.63 -33.31 15.68
N LEU E 96 10.61 -34.05 15.23
CA LEU E 96 10.31 -35.34 15.82
C LEU E 96 11.42 -36.35 15.52
N VAL E 97 12.21 -36.12 14.46
CA VAL E 97 13.42 -36.89 14.26
C VAL E 97 14.40 -36.61 15.39
N GLY E 98 14.57 -35.34 15.76
CA GLY E 98 15.49 -34.95 16.81
C GLY E 98 14.92 -35.15 18.22
N VAL E 99 13.66 -35.60 18.35
CA VAL E 99 13.03 -35.82 19.64
C VAL E 99 12.91 -37.31 19.96
N MET E 100 12.65 -38.14 18.94
CA MET E 100 12.40 -39.56 19.18
C MET E 100 13.67 -40.38 18.97
N VAL E 101 14.26 -40.33 17.78
CA VAL E 101 15.30 -41.28 17.39
C VAL E 101 16.70 -40.71 17.62
N MET E 102 16.89 -39.41 17.39
CA MET E 102 18.21 -38.82 17.48
C MET E 102 18.76 -38.87 18.91
N PRO E 103 18.01 -38.46 19.96
CA PRO E 103 18.53 -38.56 21.32
C PRO E 103 18.82 -39.99 21.77
N PHE E 104 18.01 -40.97 21.32
CA PHE E 104 18.23 -42.36 21.69
C PHE E 104 19.42 -42.96 20.97
N SER E 105 19.86 -42.35 19.86
CA SER E 105 21.07 -42.77 19.17
C SER E 105 22.26 -41.86 19.51
N MET E 106 22.08 -40.92 20.44
CA MET E 106 23.14 -39.98 20.79
C MET E 106 24.28 -40.69 21.52
N VAL E 107 23.97 -41.27 22.68
CA VAL E 107 24.98 -41.93 23.49
C VAL E 107 25.07 -43.42 23.15
N ARG E 108 24.01 -43.98 22.54
CA ARG E 108 24.00 -45.38 22.14
C ARG E 108 25.04 -45.63 21.04
N SER E 109 25.23 -44.65 20.14
CA SER E 109 26.19 -44.75 19.07
C SER E 109 27.61 -44.86 19.61
N VAL E 110 27.99 -43.91 20.48
CA VAL E 110 29.36 -43.85 20.99
C VAL E 110 29.63 -45.02 21.92
N GLU E 111 28.61 -45.45 22.67
CA GLU E 111 28.75 -46.57 23.58
C GLU E 111 29.06 -47.86 22.80
N GLY E 112 28.36 -48.05 21.67
CA GLY E 112 28.56 -49.21 20.83
C GLY E 112 27.65 -50.39 21.17
N CYS E 113 26.90 -50.29 22.27
CA CYS E 113 26.00 -51.35 22.69
C CYS E 113 24.60 -50.77 22.91
N TRP E 114 23.58 -51.51 22.49
CA TRP E 114 22.20 -51.10 22.67
C TRP E 114 21.71 -51.62 24.02
N TYR E 115 21.73 -50.74 25.02
CA TYR E 115 21.43 -51.13 26.40
C TYR E 115 20.00 -50.72 26.79
N PHE E 116 19.05 -50.83 25.87
CA PHE E 116 17.67 -50.44 26.14
C PHE E 116 16.70 -51.61 26.02
N GLY E 117 16.84 -52.43 24.98
CA GLY E 117 15.99 -53.60 24.81
C GLY E 117 15.50 -53.78 23.37
N ASP E 118 14.82 -54.91 23.12
CA ASP E 118 14.39 -55.25 21.76
C ASP E 118 13.29 -54.30 21.31
N SER E 119 12.31 -54.03 22.17
CA SER E 119 11.20 -53.13 21.85
C SER E 119 11.73 -51.72 21.58
N TYR E 120 12.71 -51.28 22.39
CA TYR E 120 13.30 -49.97 22.22
C TYR E 120 13.98 -49.87 20.86
N CYS E 121 14.72 -50.92 20.47
CA CYS E 121 15.39 -50.94 19.18
C CYS E 121 14.35 -50.91 18.05
N LYS E 122 13.27 -51.68 18.18
CA LYS E 122 12.25 -51.74 17.15
C LYS E 122 11.61 -50.36 16.96
N LEU E 123 11.26 -49.70 18.06
CA LEU E 123 10.65 -48.38 17.96
C LEU E 123 11.64 -47.37 17.39
N HIS E 124 12.89 -47.44 17.83
CA HIS E 124 13.91 -46.50 17.39
C HIS E 124 14.23 -46.65 15.91
N THR E 125 14.08 -47.86 15.36
CA THR E 125 14.32 -48.10 13.95
C THR E 125 13.11 -47.72 13.10
N CYS E 126 11.91 -48.13 13.54
CA CYS E 126 10.69 -47.83 12.79
C CYS E 126 10.50 -46.32 12.70
N PHE E 127 10.63 -45.64 13.85
CA PHE E 127 10.51 -44.20 13.84
C PHE E 127 11.52 -43.61 12.85
N ASP E 128 12.78 -44.09 12.90
CA ASP E 128 13.86 -43.56 12.07
C ASP E 128 13.60 -43.71 10.56
N VAL E 129 13.11 -44.88 10.12
CA VAL E 129 12.91 -45.16 8.70
C VAL E 129 11.59 -44.54 8.20
N SER E 130 10.67 -44.19 9.12
CA SER E 130 9.46 -43.50 8.74
C SER E 130 9.67 -41.98 8.73
N PHE E 131 10.37 -41.49 9.73
CA PHE E 131 10.55 -40.06 9.94
C PHE E 131 11.44 -39.47 8.84
N CYS E 132 12.59 -40.12 8.60
CA CYS E 132 13.55 -39.62 7.63
C CYS E 132 12.96 -39.64 6.21
N TYR E 133 12.08 -40.62 5.92
CA TYR E 133 11.49 -40.76 4.61
C TYR E 133 10.29 -39.82 4.48
N CYS E 134 9.60 -39.50 5.59
CA CYS E 134 8.55 -38.50 5.58
C CYS E 134 9.13 -37.12 5.28
N SER E 135 10.31 -36.85 5.84
CA SER E 135 11.02 -35.62 5.53
C SER E 135 11.38 -35.57 4.03
N LEU E 136 11.77 -36.69 3.48
CA LEU E 136 12.10 -36.74 2.06
C LEU E 136 10.89 -36.36 1.22
N PHE E 137 9.75 -37.04 1.41
CA PHE E 137 8.60 -36.76 0.56
C PHE E 137 8.15 -35.32 0.77
N HIS E 138 8.30 -34.80 1.98
CA HIS E 138 7.95 -33.40 2.20
C HIS E 138 8.86 -32.49 1.37
N LEU E 139 10.17 -32.69 1.38
CA LEU E 139 11.05 -31.86 0.55
C LEU E 139 10.64 -31.94 -0.93
N CYS E 140 10.27 -33.13 -1.42
CA CYS E 140 9.75 -33.27 -2.76
C CYS E 140 8.48 -32.45 -2.98
N PHE E 141 7.59 -32.43 -2.00
CA PHE E 141 6.32 -31.72 -2.17
C PHE E 141 6.54 -30.20 -2.17
N ILE E 142 7.42 -29.72 -1.27
CA ILE E 142 7.75 -28.30 -1.27
C ILE E 142 8.31 -27.92 -2.65
N SER E 143 9.17 -28.78 -3.18
CA SER E 143 9.82 -28.47 -4.44
C SER E 143 8.79 -28.31 -5.51
N VAL E 144 7.87 -29.26 -5.60
CA VAL E 144 6.85 -29.16 -6.63
C VAL E 144 6.03 -27.89 -6.40
N ASP E 145 5.86 -27.49 -5.16
CA ASP E 145 5.14 -26.27 -4.88
C ASP E 145 5.84 -25.07 -5.50
N ARG E 146 7.18 -24.93 -5.32
CA ARG E 146 7.92 -23.85 -5.96
C ARG E 146 7.80 -23.94 -7.49
N TYR E 147 7.86 -25.16 -8.05
CA TYR E 147 7.77 -25.29 -9.48
C TYR E 147 6.44 -24.73 -9.95
N ILE E 148 5.35 -25.10 -9.29
CA ILE E 148 4.04 -24.63 -9.72
C ILE E 148 3.93 -23.12 -9.48
N ALA E 149 4.60 -22.59 -8.47
CA ALA E 149 4.54 -21.15 -8.20
C ALA E 149 5.24 -20.35 -9.31
N VAL E 150 6.44 -20.77 -9.72
CA VAL E 150 7.23 -20.02 -10.69
C VAL E 150 6.69 -20.20 -12.11
N SER E 151 6.65 -21.44 -12.60
CA SER E 151 5.99 -21.74 -13.86
C SER E 151 4.47 -21.75 -13.67
N ASP E 152 3.75 -21.15 -14.63
CA ASP E 152 2.30 -21.02 -14.56
C ASP E 152 1.90 -20.29 -13.29
N PRO E 153 2.26 -19.00 -13.13
CA PRO E 153 1.97 -18.27 -11.90
C PRO E 153 0.59 -17.65 -11.74
N LEU E 154 -0.16 -17.48 -12.84
CA LEU E 154 -1.48 -16.87 -12.72
C LEU E 154 -2.50 -17.86 -12.17
N ALA E 155 -2.43 -19.12 -12.62
CA ALA E 155 -3.35 -20.15 -12.17
C ALA E 155 -2.84 -20.85 -10.90
N TYR E 156 -1.87 -20.24 -10.20
CA TYR E 156 -1.29 -20.88 -9.03
C TYR E 156 -2.31 -21.03 -7.90
N PRO E 157 -3.06 -19.97 -7.49
CA PRO E 157 -4.04 -20.14 -6.41
C PRO E 157 -5.12 -21.18 -6.70
N THR E 158 -5.58 -21.26 -7.94
CA THR E 158 -6.67 -22.17 -8.28
C THR E 158 -6.19 -23.63 -8.29
N ARG E 159 -4.98 -23.86 -8.80
CA ARG E 159 -4.46 -25.22 -8.89
C ARG E 159 -4.02 -25.72 -7.52
N PHE E 160 -3.21 -24.94 -6.82
CA PHE E 160 -2.65 -25.35 -5.54
C PHE E 160 -3.35 -24.62 -4.40
N THR E 161 -4.46 -25.19 -3.94
CA THR E 161 -5.22 -24.66 -2.81
C THR E 161 -4.73 -25.29 -1.52
N ALA E 162 -5.23 -24.81 -0.39
CA ALA E 162 -4.88 -25.36 0.91
C ALA E 162 -5.34 -26.81 1.02
N SER E 163 -6.45 -27.16 0.35
CA SER E 163 -6.95 -28.53 0.38
C SER E 163 -5.93 -29.48 -0.24
N VAL E 164 -5.35 -29.08 -1.39
CA VAL E 164 -4.39 -29.92 -2.07
C VAL E 164 -3.12 -30.06 -1.22
N SER E 165 -2.75 -28.98 -0.52
CA SER E 165 -1.65 -29.04 0.43
C SER E 165 -1.93 -30.09 1.51
N GLY E 166 -3.15 -30.09 2.03
CA GLY E 166 -3.53 -31.07 3.04
C GLY E 166 -3.46 -32.49 2.50
N LYS E 167 -3.94 -32.71 1.27
CA LYS E 167 -3.90 -34.04 0.68
C LYS E 167 -2.45 -34.49 0.54
N CYS E 168 -1.56 -33.61 0.09
CA CYS E 168 -0.16 -33.96 -0.08
C CYS E 168 0.47 -34.32 1.27
N ILE E 169 0.18 -33.52 2.30
CA ILE E 169 0.77 -33.78 3.62
C ILE E 169 0.30 -35.13 4.17
N THR E 170 -1.01 -35.39 4.10
CA THR E 170 -1.55 -36.63 4.61
C THR E 170 -0.99 -37.82 3.83
N PHE E 171 -0.88 -37.65 2.50
CA PHE E 171 -0.35 -38.72 1.66
C PHE E 171 1.08 -39.05 2.07
N SER E 172 1.89 -38.01 2.29
CA SER E 172 3.29 -38.20 2.67
C SER E 172 3.39 -38.93 4.01
N TRP E 173 2.62 -38.47 5.00
CA TRP E 173 2.65 -39.12 6.32
C TRP E 173 2.24 -40.59 6.21
N LEU E 174 1.11 -40.87 5.56
CA LEU E 174 0.60 -42.23 5.52
C LEU E 174 1.57 -43.12 4.75
N LEU E 175 2.14 -42.61 3.66
CA LEU E 175 3.06 -43.41 2.85
C LEU E 175 4.31 -43.75 3.66
N SER E 176 4.86 -42.76 4.38
CA SER E 176 6.05 -42.99 5.19
C SER E 176 5.79 -44.03 6.28
N ILE E 177 4.68 -43.88 7.00
CA ILE E 177 4.37 -44.78 8.10
C ILE E 177 4.12 -46.19 7.55
N SER E 178 3.38 -46.28 6.45
CA SER E 178 3.07 -47.57 5.85
C SER E 178 4.34 -48.29 5.41
N TYR E 179 5.25 -47.54 4.77
CA TYR E 179 6.50 -48.12 4.32
C TYR E 179 7.32 -48.63 5.49
N GLY E 180 7.43 -47.81 6.54
CA GLY E 180 8.15 -48.21 7.73
C GLY E 180 7.61 -49.51 8.34
N PHE E 181 6.28 -49.55 8.52
CA PHE E 181 5.64 -50.70 9.14
C PHE E 181 5.81 -51.95 8.26
N SER E 182 5.64 -51.79 6.94
CA SER E 182 5.64 -52.92 6.02
C SER E 182 7.06 -53.40 5.72
N LEU E 183 8.08 -52.61 6.09
CA LEU E 183 9.45 -53.04 5.87
C LEU E 183 10.03 -53.65 7.13
N ILE E 184 9.88 -52.97 8.27
CA ILE E 184 10.61 -53.36 9.47
C ILE E 184 9.90 -54.47 10.22
N TYR E 185 8.58 -54.31 10.42
CA TYR E 185 7.78 -55.33 11.09
C TYR E 185 7.24 -56.31 10.04
N GLY E 204 23.63 -56.63 23.79
CA GLY E 204 23.81 -56.74 22.33
C GLY E 204 23.45 -55.43 21.62
N GLY E 205 23.57 -55.46 20.30
CA GLY E 205 23.29 -54.30 19.46
C GLY E 205 22.34 -54.64 18.33
N CYS E 206 22.06 -53.64 17.49
CA CYS E 206 21.16 -53.77 16.37
C CYS E 206 21.88 -53.40 15.06
N GLN E 207 21.52 -54.08 13.98
CA GLN E 207 22.06 -53.77 12.66
C GLN E 207 21.10 -54.31 11.59
N ILE E 208 20.41 -53.40 10.89
CA ILE E 208 19.41 -53.80 9.90
C ILE E 208 20.06 -54.75 8.91
N ALA E 209 19.41 -55.90 8.66
CA ALA E 209 19.96 -56.92 7.77
C ALA E 209 20.01 -56.40 6.34
N VAL E 210 21.05 -56.79 5.59
CA VAL E 210 21.22 -56.34 4.21
C VAL E 210 20.57 -57.36 3.27
N ASN E 211 20.93 -58.64 3.42
CA ASN E 211 20.36 -59.74 2.67
C ASN E 211 20.42 -59.51 1.15
N GLN E 212 21.22 -58.53 0.71
CA GLN E 212 21.46 -58.25 -0.71
C GLN E 212 20.20 -57.72 -1.42
N THR E 213 19.06 -57.65 -0.71
CA THR E 213 17.81 -57.28 -1.35
C THR E 213 17.25 -55.98 -0.75
N TRP E 214 17.30 -55.84 0.58
CA TRP E 214 16.78 -54.67 1.29
C TRP E 214 17.26 -53.34 0.70
N VAL E 215 18.58 -53.19 0.51
CA VAL E 215 19.16 -51.94 0.05
C VAL E 215 18.46 -51.47 -1.21
N PHE E 216 18.21 -52.37 -2.17
CA PHE E 216 17.63 -51.94 -3.43
C PHE E 216 16.30 -51.22 -3.18
N ILE E 217 15.49 -51.76 -2.26
CA ILE E 217 14.22 -51.15 -1.90
C ILE E 217 14.48 -49.78 -1.27
N ASN E 218 15.18 -49.78 -0.13
CA ASN E 218 15.51 -48.55 0.59
C ASN E 218 15.90 -47.48 -0.43
N PHE E 219 16.83 -47.78 -1.35
CA PHE E 219 17.34 -46.78 -2.28
C PHE E 219 16.27 -46.36 -3.27
N SER E 220 15.60 -47.34 -3.87
CA SER E 220 14.61 -47.06 -4.89
C SER E 220 13.59 -46.03 -4.39
N VAL E 221 13.13 -46.20 -3.15
CA VAL E 221 12.18 -45.27 -2.57
C VAL E 221 12.83 -43.90 -2.37
N PHE E 222 14.12 -43.89 -2.03
CA PHE E 222 14.87 -42.65 -2.04
C PHE E 222 15.05 -42.12 -3.46
N LEU E 223 15.16 -43.04 -4.45
CA LEU E 223 15.52 -42.63 -5.80
C LEU E 223 14.35 -41.94 -6.49
N ILE E 224 13.12 -42.23 -6.08
CA ILE E 224 11.95 -41.70 -6.76
C ILE E 224 11.84 -40.19 -6.57
N PRO E 225 11.74 -39.64 -5.35
CA PRO E 225 11.34 -38.24 -5.21
C PRO E 225 12.48 -37.28 -5.46
N THR E 226 13.73 -37.74 -5.26
CA THR E 226 14.86 -36.86 -5.46
C THR E 226 15.00 -36.49 -6.95
N LEU E 227 14.83 -37.46 -7.85
CA LEU E 227 14.89 -37.15 -9.26
C LEU E 227 13.77 -36.19 -9.65
N VAL E 228 12.57 -36.39 -9.08
CA VAL E 228 11.51 -35.42 -9.25
C VAL E 228 11.95 -34.04 -8.73
N MET E 229 12.76 -34.07 -7.67
CA MET E 229 13.06 -32.84 -6.98
C MET E 229 14.42 -32.28 -7.39
N ILE E 230 15.22 -33.05 -8.15
CA ILE E 230 16.39 -32.47 -8.85
C ILE E 230 15.91 -31.73 -10.09
N THR E 231 15.05 -32.36 -10.89
CA THR E 231 14.69 -31.84 -12.20
C THR E 231 13.91 -30.53 -12.12
N VAL E 232 12.97 -30.45 -11.19
CA VAL E 232 12.17 -29.24 -11.10
C VAL E 232 13.03 -28.05 -10.62
N TYR E 233 13.99 -28.29 -9.74
CA TYR E 233 14.85 -27.21 -9.32
C TYR E 233 15.74 -26.74 -10.46
N SER E 234 16.16 -27.67 -11.34
CA SER E 234 16.91 -27.27 -12.53
C SER E 234 16.03 -26.44 -13.47
N LYS E 235 14.79 -26.92 -13.70
CA LYS E 235 13.85 -26.23 -14.57
C LYS E 235 13.56 -24.81 -14.08
N ILE E 236 13.53 -24.62 -12.77
CA ILE E 236 13.34 -23.31 -12.20
C ILE E 236 14.55 -22.45 -12.50
N PHE E 237 15.73 -23.06 -12.52
CA PHE E 237 16.93 -22.27 -12.76
C PHE E 237 16.91 -21.67 -14.18
N LEU E 238 16.48 -22.47 -15.16
CA LEU E 238 16.38 -21.98 -16.52
C LEU E 238 15.29 -20.90 -16.62
N ILE E 239 14.20 -21.04 -15.87
CA ILE E 239 13.22 -19.97 -15.76
C ILE E 239 13.84 -18.72 -15.14
N ALA E 240 14.63 -18.92 -14.10
CA ALA E 240 15.32 -17.82 -13.48
C ALA E 240 16.37 -17.26 -14.44
N LYS E 241 16.98 -18.13 -15.26
CA LYS E 241 17.96 -17.68 -16.25
C LYS E 241 17.25 -16.84 -17.33
N GLN E 242 16.09 -17.30 -17.77
CA GLN E 242 15.40 -16.64 -18.86
C GLN E 242 14.98 -15.24 -18.43
N GLN E 243 14.40 -15.12 -17.24
CA GLN E 243 13.96 -13.83 -16.75
C GLN E 243 15.14 -12.89 -16.57
N ALA E 244 16.21 -13.37 -15.95
CA ALA E 244 17.32 -12.51 -15.57
C ALA E 244 17.89 -11.78 -16.78
N GLN E 245 17.84 -12.42 -17.95
CA GLN E 245 18.32 -11.81 -19.19
C GLN E 245 17.41 -10.66 -19.59
N ASN E 246 16.11 -10.77 -19.28
CA ASN E 246 15.13 -9.81 -19.77
C ASN E 246 15.27 -8.46 -19.08
N ILE E 247 15.76 -8.45 -17.83
CA ILE E 247 15.98 -7.19 -17.14
C ILE E 247 17.05 -6.38 -17.85
N GLU E 248 18.19 -7.01 -18.15
CA GLU E 248 19.33 -6.28 -18.69
C GLU E 248 19.07 -5.85 -20.12
N LYS E 249 18.45 -6.70 -20.93
CA LYS E 249 18.18 -6.37 -22.32
C LYS E 249 17.18 -5.23 -22.43
N MET E 250 16.16 -5.23 -21.57
CA MET E 250 15.18 -4.16 -21.58
C MET E 250 15.80 -2.87 -21.01
N SER E 251 16.66 -3.00 -19.98
CA SER E 251 17.32 -1.86 -19.36
C SER E 251 18.35 -1.25 -20.33
N LYS E 262 28.92 -9.94 -20.57
CA LYS E 262 27.67 -9.56 -19.87
C LYS E 262 27.79 -9.97 -18.39
N ASP E 263 28.59 -9.21 -17.65
CA ASP E 263 28.78 -9.48 -16.22
C ASP E 263 27.53 -9.08 -15.43
N ARG E 264 26.72 -8.17 -15.98
CA ARG E 264 25.53 -7.69 -15.29
C ARG E 264 24.55 -8.85 -15.06
N VAL E 265 24.24 -9.60 -16.13
CA VAL E 265 23.34 -10.75 -16.01
C VAL E 265 23.98 -11.86 -15.17
N ALA E 266 25.30 -12.02 -15.31
CA ALA E 266 26.02 -13.03 -14.54
C ALA E 266 25.94 -12.73 -13.05
N LYS E 267 25.80 -11.46 -12.67
CA LYS E 267 25.70 -11.09 -11.26
C LYS E 267 24.48 -11.75 -10.63
N ARG E 268 23.36 -11.72 -11.34
CA ARG E 268 22.13 -12.31 -10.84
C ARG E 268 22.15 -13.83 -11.01
N GLU E 269 22.79 -14.31 -12.09
CA GLU E 269 22.90 -15.75 -12.30
C GLU E 269 23.68 -16.40 -11.16
N ARG E 270 24.68 -15.70 -10.63
CA ARG E 270 25.48 -16.21 -9.54
C ARG E 270 24.60 -16.46 -8.30
N LYS E 271 23.76 -15.48 -7.99
CA LYS E 271 22.90 -15.58 -6.78
C LYS E 271 21.83 -16.66 -6.98
N ALA E 272 21.24 -16.73 -8.17
CA ALA E 272 20.24 -17.76 -8.46
C ALA E 272 20.85 -19.15 -8.33
N ALA E 273 22.03 -19.33 -8.92
CA ALA E 273 22.73 -20.62 -8.85
C ALA E 273 23.07 -20.93 -7.40
N LYS E 274 23.47 -19.91 -6.63
CA LYS E 274 23.84 -20.13 -5.24
C LYS E 274 22.66 -20.69 -4.46
N THR E 275 21.49 -20.05 -4.62
CA THR E 275 20.28 -20.46 -3.86
C THR E 275 19.82 -21.87 -4.27
N LEU E 276 19.79 -22.19 -5.56
CA LEU E 276 19.35 -23.51 -5.99
C LEU E 276 20.39 -24.56 -5.59
N GLY E 277 21.69 -24.23 -5.71
CA GLY E 277 22.74 -25.18 -5.42
C GLY E 277 22.76 -25.54 -3.94
N ILE E 278 22.61 -24.56 -3.07
CA ILE E 278 22.62 -24.85 -1.64
C ILE E 278 21.39 -25.68 -1.31
N ALA E 279 20.25 -25.35 -1.91
CA ALA E 279 19.04 -26.11 -1.64
C ALA E 279 19.21 -27.58 -2.06
N VAL E 280 19.84 -27.81 -3.21
CA VAL E 280 20.04 -29.17 -3.69
C VAL E 280 21.08 -29.90 -2.84
N ALA E 281 22.23 -29.27 -2.59
CA ALA E 281 23.28 -29.93 -1.84
C ALA E 281 22.84 -30.28 -0.41
N ALA E 282 22.02 -29.44 0.23
CA ALA E 282 21.63 -29.64 1.60
C ALA E 282 21.05 -31.05 1.81
N PHE E 283 20.41 -31.64 0.79
CA PHE E 283 19.92 -33.01 0.91
C PHE E 283 20.79 -33.98 0.13
N LEU E 284 21.42 -33.55 -0.95
CA LEU E 284 22.11 -34.49 -1.82
C LEU E 284 23.47 -34.89 -1.25
N LEU E 285 24.05 -34.07 -0.35
CA LEU E 285 25.34 -34.38 0.26
C LEU E 285 25.16 -35.13 1.58
N SER E 286 23.93 -35.35 2.02
CA SER E 286 23.71 -35.96 3.31
C SER E 286 23.22 -37.41 3.19
N TRP E 287 22.17 -37.64 2.37
CA TRP E 287 21.58 -38.96 2.22
C TRP E 287 22.43 -39.85 1.33
N LEU E 288 23.08 -39.26 0.31
CA LEU E 288 23.74 -40.03 -0.73
C LEU E 288 24.97 -40.76 -0.18
N PRO E 289 25.82 -40.18 0.69
CA PRO E 289 26.98 -40.92 1.17
C PRO E 289 26.57 -42.22 1.88
N TYR E 290 25.44 -42.19 2.59
CA TYR E 290 24.97 -43.33 3.37
C TYR E 290 24.45 -44.45 2.46
N PHE E 291 24.01 -44.09 1.24
CA PHE E 291 23.49 -45.07 0.29
C PHE E 291 24.63 -45.63 -0.57
N ILE E 292 25.67 -44.83 -0.82
CA ILE E 292 26.83 -45.35 -1.54
C ILE E 292 27.66 -46.25 -0.63
N ASP E 293 27.73 -45.90 0.66
CA ASP E 293 28.42 -46.74 1.62
C ASP E 293 27.73 -48.10 1.72
N SER E 294 26.40 -48.08 1.78
CA SER E 294 25.64 -49.32 1.85
C SER E 294 25.89 -50.17 0.61
N PHE E 295 25.93 -49.54 -0.56
CA PHE E 295 26.14 -50.24 -1.81
C PHE E 295 27.53 -50.89 -1.86
N ILE E 296 28.55 -50.13 -1.49
CA ILE E 296 29.91 -50.65 -1.55
C ILE E 296 30.08 -51.76 -0.50
N ASP E 297 29.35 -51.64 0.61
CA ASP E 297 29.39 -52.65 1.65
C ASP E 297 28.81 -53.96 1.13
N ALA E 298 27.59 -53.88 0.56
CA ALA E 298 26.89 -55.08 0.14
C ALA E 298 27.53 -55.70 -1.10
N PHE E 299 27.96 -54.88 -2.05
CA PHE E 299 28.36 -55.39 -3.37
C PHE E 299 29.86 -55.66 -3.44
N LEU E 300 30.67 -54.60 -3.25
CA LEU E 300 32.11 -54.68 -3.47
C LEU E 300 32.74 -55.65 -2.48
N GLY E 301 32.11 -55.83 -1.32
CA GLY E 301 32.51 -56.85 -0.36
C GLY E 301 33.38 -56.30 0.78
N PHE E 302 33.89 -55.08 0.63
CA PHE E 302 34.68 -54.46 1.69
C PHE E 302 33.74 -54.11 2.85
N ILE E 303 33.78 -54.93 3.91
CA ILE E 303 32.93 -54.71 5.06
C ILE E 303 33.31 -53.39 5.71
N THR E 304 32.32 -52.56 6.00
CA THR E 304 32.63 -51.30 6.63
C THR E 304 32.67 -51.50 8.14
N PRO E 305 33.63 -50.88 8.84
CA PRO E 305 33.66 -50.98 10.29
C PRO E 305 32.47 -50.19 10.82
N THR E 306 31.91 -50.65 11.94
CA THR E 306 30.61 -50.17 12.39
C THR E 306 30.63 -48.66 12.56
N TYR E 307 31.67 -48.13 13.22
CA TYR E 307 31.68 -46.73 13.56
C TYR E 307 31.44 -45.87 12.32
N VAL E 308 32.06 -46.26 11.20
CA VAL E 308 31.84 -45.55 9.94
C VAL E 308 30.33 -45.55 9.61
N TYR E 309 29.66 -46.68 9.83
CA TYR E 309 28.22 -46.75 9.61
C TYR E 309 27.54 -45.66 10.43
N GLU E 310 27.89 -45.50 11.73
CA GLU E 310 27.21 -44.48 12.54
C GLU E 310 27.55 -43.07 12.05
N ILE E 311 28.78 -42.80 11.60
CA ILE E 311 29.04 -41.46 11.07
C ILE E 311 28.15 -41.19 9.84
N LEU E 312 27.96 -42.21 8.99
CA LEU E 312 27.07 -42.05 7.85
C LEU E 312 25.64 -41.78 8.33
N VAL E 313 25.22 -42.48 9.40
CA VAL E 313 23.88 -42.29 9.96
C VAL E 313 23.75 -40.84 10.43
N TRP E 314 24.78 -40.31 11.10
CA TRP E 314 24.72 -38.94 11.61
C TRP E 314 24.66 -37.94 10.47
N ILE E 315 25.44 -38.18 9.40
CA ILE E 315 25.42 -37.22 8.30
C ILE E 315 24.04 -37.24 7.64
N VAL E 316 23.30 -38.36 7.74
CA VAL E 316 21.96 -38.47 7.16
C VAL E 316 20.94 -37.79 8.07
N TYR E 317 21.26 -37.69 9.37
CA TYR E 317 20.38 -37.05 10.35
C TYR E 317 20.65 -35.54 10.41
N TYR E 318 21.76 -35.09 9.82
CA TYR E 318 22.07 -33.65 9.86
C TYR E 318 21.07 -32.90 8.96
N ASN E 319 20.50 -33.60 7.98
CA ASN E 319 19.57 -32.95 7.06
C ASN E 319 18.35 -32.41 7.82
N SER E 320 18.00 -33.07 8.93
CA SER E 320 16.89 -32.65 9.76
C SER E 320 17.15 -31.26 10.36
N ALA E 321 18.42 -30.93 10.64
CA ALA E 321 18.77 -29.60 11.10
C ALA E 321 19.02 -28.67 9.92
N MET E 322 19.40 -29.23 8.77
CA MET E 322 19.62 -28.40 7.58
C MET E 322 18.32 -27.76 7.14
N ASN E 323 17.21 -28.50 7.17
CA ASN E 323 15.94 -28.04 6.63
C ASN E 323 15.45 -26.73 7.25
N PRO E 324 15.40 -26.57 8.59
CA PRO E 324 14.94 -25.32 9.17
C PRO E 324 15.75 -24.09 8.73
N LEU E 325 17.06 -24.26 8.56
CA LEU E 325 17.90 -23.15 8.14
C LEU E 325 17.67 -22.83 6.66
N ILE E 326 17.61 -23.87 5.82
CA ILE E 326 17.55 -23.65 4.38
C ILE E 326 16.17 -23.12 3.98
N TYR E 327 15.10 -23.73 4.49
CA TYR E 327 13.78 -23.42 3.96
C TYR E 327 13.09 -22.27 4.69
N ALA E 328 13.42 -22.05 5.98
CA ALA E 328 12.77 -21.00 6.75
C ALA E 328 13.69 -19.78 6.89
N PHE E 329 14.86 -19.95 7.48
CA PHE E 329 15.68 -18.81 7.85
C PHE E 329 16.22 -18.07 6.62
N PHE E 330 16.50 -18.81 5.55
CA PHE E 330 17.19 -18.21 4.38
C PHE E 330 16.33 -17.13 3.70
N TYR E 331 15.02 -17.15 3.93
CA TYR E 331 14.12 -16.23 3.24
C TYR E 331 13.91 -14.98 4.08
N PRO E 332 14.19 -13.76 3.54
CA PRO E 332 13.96 -12.52 4.30
C PRO E 332 12.52 -12.38 4.81
N TRP E 333 11.53 -12.80 4.02
CA TRP E 333 10.16 -12.59 4.45
C TRP E 333 9.88 -13.35 5.75
N PHE E 334 10.44 -14.54 5.88
CA PHE E 334 10.32 -15.28 7.13
C PHE E 334 11.04 -14.55 8.25
N ARG E 335 12.15 -13.88 7.93
CA ARG E 335 12.85 -13.06 8.91
C ARG E 335 11.95 -11.92 9.40
N LYS E 336 11.29 -11.23 8.46
CA LYS E 336 10.43 -10.09 8.80
C LYS E 336 9.15 -10.56 9.49
N ALA E 337 8.77 -11.84 9.32
CA ALA E 337 7.63 -12.38 10.05
C ALA E 337 7.90 -12.36 11.56
N ILE E 338 9.14 -12.70 11.96
CA ILE E 338 9.50 -12.74 13.36
C ILE E 338 9.65 -11.32 13.93
#